data_3S1U
#
_entry.id   3S1U
#
_cell.length_a   148.200
_cell.length_b   171.400
_cell.length_c   99.100
_cell.angle_alpha   90.000
_cell.angle_beta   90.000
_cell.angle_gamma   90.000
#
_symmetry.space_group_name_H-M   'C 2 2 21'
#
loop_
_entity.id
_entity.type
_entity.pdbx_description
1 polymer 'Probable transaldolase'
2 non-polymer ERYTHOSE-4-PHOSPHATE
3 non-polymer 'CHLORIDE ION'
4 water water
#
_entity_poly.entity_id   1
_entity_poly.type   'polypeptide(L)'
_entity_poly.pdbx_seq_one_letter_code
;MKIFLDTANIDEIRTGVNWGIVDGVTTNPTLISKEAVNGKKYGDIIREILKIVDGPVSVEVVSTKYEGMVEEARKIHGLG
DNAVVKIPMTEDGLRAIKTLSSEHINTNCTLVFNPIQALLAAKAGVTYVSPFVGRLDDIGEDGMQIIDMIRTIFNNYIIK
TQILVASIRNPIHVLRSAVIGADVVTVPFNVLKSLMKHPKTDEGLAKFLEDWKKVSPDGKLIL
;
_entity_poly.pdbx_strand_id   A,B,C,D,E
#
# COMPACT_ATOMS: atom_id res chain seq x y z
N MET A 1 6.94 12.36 15.29
CA MET A 1 6.26 12.19 16.56
C MET A 1 6.58 13.36 17.47
N LYS A 2 5.54 14.05 17.95
CA LYS A 2 5.73 15.09 18.95
C LYS A 2 6.07 14.50 20.30
N ILE A 3 6.82 15.24 21.09
CA ILE A 3 7.12 14.82 22.46
C ILE A 3 6.70 15.91 23.43
N PHE A 4 5.80 15.56 24.34
CA PHE A 4 5.40 16.47 25.39
C PHE A 4 6.09 16.04 26.69
N LEU A 5 6.36 17.01 27.55
CA LEU A 5 6.89 16.73 28.87
C LEU A 5 5.72 16.72 29.84
N ASP A 6 5.62 15.66 30.62
CA ASP A 6 4.53 15.49 31.57
C ASP A 6 4.96 16.01 32.95
N THR A 7 5.05 17.34 33.10
CA THR A 7 5.28 18.00 34.40
C THR A 7 5.00 19.50 34.38
N ALA A 8 5.26 20.15 35.51
CA ALA A 8 5.06 21.59 35.65
C ALA A 8 6.35 22.29 36.03
N ASN A 9 7.44 21.53 36.06
CA ASN A 9 8.75 22.09 36.35
C ASN A 9 9.28 22.93 35.20
N ILE A 10 9.39 24.24 35.45
CA ILE A 10 9.79 25.20 34.43
C ILE A 10 11.23 25.03 33.96
N ASP A 11 12.12 24.70 34.88
CA ASP A 11 13.52 24.42 34.53
C ASP A 11 13.59 23.18 33.62
N GLU A 12 12.89 22.12 34.02
CA GLU A 12 12.79 20.92 33.19
C GLU A 12 12.30 21.29 31.79
N ILE A 13 11.28 22.14 31.74
CA ILE A 13 10.68 22.57 30.48
C ILE A 13 11.66 23.36 29.61
N ARG A 14 12.28 24.39 30.18
CA ARG A 14 13.27 25.16 29.42
C ARG A 14 14.33 24.23 28.86
N THR A 15 14.86 23.37 29.74
CA THR A 15 15.90 22.44 29.36
C THR A 15 15.50 21.59 28.14
N GLY A 16 14.29 21.05 28.16
CA GLY A 16 13.84 20.19 27.09
C GLY A 16 13.62 20.87 25.76
N VAL A 17 13.01 22.06 25.81
CA VAL A 17 12.80 22.89 24.64
C VAL A 17 14.14 23.29 24.01
N ASN A 18 15.12 23.59 24.86
CA ASN A 18 16.46 23.93 24.38
C ASN A 18 17.11 22.79 23.60
N TRP A 19 16.79 21.56 24.00
CA TRP A 19 17.28 20.39 23.28
C TRP A 19 16.60 20.28 21.92
N GLY A 20 15.48 20.99 21.76
CA GLY A 20 14.76 20.99 20.51
C GLY A 20 13.93 19.74 20.30
N ILE A 21 13.66 19.03 21.40
CA ILE A 21 12.90 17.79 21.33
C ILE A 21 11.62 17.86 22.15
N VAL A 22 11.30 19.03 22.69
CA VAL A 22 10.05 19.20 23.43
C VAL A 22 9.08 20.15 22.72
N ASP A 23 7.90 19.62 22.41
CA ASP A 23 6.92 20.34 21.64
C ASP A 23 5.72 20.81 22.46
N GLY A 24 5.71 20.49 23.74
CA GLY A 24 4.57 20.83 24.58
C GLY A 24 4.62 20.20 25.95
N VAL A 25 3.58 20.43 26.75
CA VAL A 25 3.57 19.99 28.14
C VAL A 25 2.21 19.45 28.55
N THR A 26 2.20 18.37 29.33
CA THR A 26 0.97 17.90 29.94
C THR A 26 1.07 18.00 31.45
N THR A 27 0.05 18.60 32.05
CA THR A 27 0.04 18.83 33.49
C THR A 27 -1.16 18.19 34.14
N ASN A 28 -1.23 18.35 35.46
CA ASN A 28 -2.40 18.00 36.24
C ASN A 28 -2.19 18.64 37.60
N PRO A 29 -3.26 18.73 38.41
CA PRO A 29 -3.13 19.47 39.67
C PRO A 29 -1.93 19.00 40.50
N THR A 30 -1.74 17.68 40.59
CA THR A 30 -0.64 17.13 41.38
C THR A 30 0.70 17.71 40.97
N LEU A 31 0.99 17.66 39.67
CA LEU A 31 2.26 18.14 39.12
C LEU A 31 2.44 19.65 39.35
N ILE A 32 1.36 20.41 39.22
CA ILE A 32 1.45 21.86 39.39
C ILE A 32 1.69 22.25 40.85
N SER A 33 1.00 21.57 41.77
CA SER A 33 1.15 21.86 43.19
C SER A 33 2.59 21.59 43.65
N LYS A 34 3.21 20.60 43.05
N LYS A 34 3.24 20.61 43.05
CA LYS A 34 4.59 20.22 43.33
CA LYS A 34 4.60 20.26 43.44
C LYS A 34 5.54 21.40 43.23
C LYS A 34 5.57 21.42 43.25
N GLU A 35 5.31 22.25 42.23
CA GLU A 35 6.15 23.42 42.00
C GLU A 35 5.69 24.62 42.80
N ALA A 36 4.51 24.52 43.41
CA ALA A 36 3.97 25.61 44.22
C ALA A 36 4.62 25.64 45.60
N VAL A 37 5.92 25.91 45.60
CA VAL A 37 6.70 25.96 46.83
C VAL A 37 7.43 27.29 46.96
N ASN A 38 7.71 27.68 48.20
CA ASN A 38 8.51 28.87 48.48
C ASN A 38 7.96 30.16 47.84
N GLY A 39 6.69 30.45 48.10
CA GLY A 39 6.09 31.70 47.68
C GLY A 39 5.51 31.71 46.27
N LYS A 40 5.46 30.53 45.65
CA LYS A 40 4.95 30.41 44.28
C LYS A 40 3.46 30.12 44.25
N LYS A 41 2.70 30.97 43.58
CA LYS A 41 1.26 30.78 43.44
C LYS A 41 0.95 29.69 42.42
N TYR A 42 0.20 28.69 42.86
CA TYR A 42 -0.26 27.59 42.02
C TYR A 42 -0.67 28.08 40.62
N GLY A 43 -1.56 29.06 40.57
CA GLY A 43 -2.03 29.60 39.30
C GLY A 43 -0.95 30.31 38.51
N ASP A 44 0.01 30.91 39.21
CA ASP A 44 1.16 31.54 38.57
C ASP A 44 1.93 30.51 37.74
N ILE A 45 2.15 29.34 38.34
CA ILE A 45 2.84 28.25 37.68
C ILE A 45 2.24 27.93 36.31
N ILE A 46 0.95 27.58 36.30
CA ILE A 46 0.25 27.27 35.06
C ILE A 46 0.41 28.40 34.06
N ARG A 47 0.21 29.63 34.53
CA ARG A 47 0.26 30.81 33.68
C ARG A 47 1.65 31.02 33.07
N GLU A 48 2.70 30.64 33.79
CA GLU A 48 4.05 30.83 33.30
C GLU A 48 4.39 29.76 32.26
N ILE A 49 4.04 28.52 32.56
CA ILE A 49 4.18 27.42 31.61
C ILE A 49 3.54 27.80 30.29
N LEU A 50 2.31 28.32 30.38
CA LEU A 50 1.57 28.74 29.21
C LEU A 50 2.31 29.83 28.44
N LYS A 51 2.91 30.77 29.16
CA LYS A 51 3.63 31.87 28.54
C LYS A 51 4.91 31.38 27.84
N ILE A 52 5.68 30.56 28.54
CA ILE A 52 6.99 30.14 28.03
C ILE A 52 6.93 29.09 26.92
N VAL A 53 6.03 28.12 27.04
CA VAL A 53 5.94 27.04 26.06
C VAL A 53 5.31 27.51 24.74
N ASP A 54 6.04 27.35 23.65
CA ASP A 54 5.54 27.69 22.33
C ASP A 54 4.87 26.47 21.71
N GLY A 55 3.87 25.95 22.41
CA GLY A 55 3.19 24.73 22.00
C GLY A 55 2.10 24.39 22.99
N PRO A 56 1.42 23.27 22.77
CA PRO A 56 0.27 22.85 23.58
C PRO A 56 0.63 22.64 25.06
N VAL A 57 -0.23 23.14 25.93
CA VAL A 57 -0.12 22.91 27.35
C VAL A 57 -1.45 22.37 27.85
N SER A 58 -1.45 21.12 28.27
N SER A 58 -1.45 21.12 28.28
CA SER A 58 -2.68 20.45 28.71
CA SER A 58 -2.67 20.45 28.71
C SER A 58 -2.92 20.67 30.18
C SER A 58 -2.93 20.67 30.19
N VAL A 59 -4.13 21.15 30.50
CA VAL A 59 -4.53 21.43 31.88
C VAL A 59 -5.86 20.74 32.15
N GLU A 60 -5.97 20.01 33.25
CA GLU A 60 -7.15 19.17 33.47
C GLU A 60 -8.27 19.91 34.18
N VAL A 61 -9.51 19.62 33.80
CA VAL A 61 -10.67 20.12 34.54
C VAL A 61 -10.89 19.22 35.73
N VAL A 62 -11.46 19.77 36.79
CA VAL A 62 -11.70 18.98 37.99
C VAL A 62 -13.18 18.65 38.18
N SER A 63 -14.06 19.46 37.59
CA SER A 63 -15.50 19.19 37.66
C SER A 63 -15.81 17.85 37.00
N THR A 64 -16.82 17.15 37.51
CA THR A 64 -17.27 15.92 36.87
C THR A 64 -18.55 16.12 36.06
N LYS A 65 -19.21 17.25 36.26
CA LYS A 65 -20.46 17.56 35.55
C LYS A 65 -20.20 18.36 34.28
N TYR A 66 -20.94 18.03 33.23
CA TYR A 66 -20.87 18.78 31.98
C TYR A 66 -20.74 20.29 32.17
N GLU A 67 -21.68 20.88 32.90
CA GLU A 67 -21.69 22.34 33.03
C GLU A 67 -20.44 22.89 33.72
N GLY A 68 -19.98 22.21 34.77
CA GLY A 68 -18.74 22.61 35.42
C GLY A 68 -17.54 22.46 34.49
N MET A 69 -17.53 21.38 33.71
CA MET A 69 -16.43 21.13 32.80
C MET A 69 -16.29 22.24 31.76
N VAL A 70 -17.41 22.64 31.17
CA VAL A 70 -17.34 23.63 30.09
C VAL A 70 -17.01 25.02 30.61
N GLU A 71 -17.55 25.38 31.77
CA GLU A 71 -17.21 26.65 32.40
C GLU A 71 -15.73 26.66 32.79
N GLU A 72 -15.28 25.57 33.37
CA GLU A 72 -13.88 25.42 33.74
C GLU A 72 -12.99 25.46 32.49
N ALA A 73 -13.41 24.77 31.43
CA ALA A 73 -12.65 24.79 30.18
C ALA A 73 -12.50 26.20 29.57
N ARG A 74 -13.59 26.95 29.56
CA ARG A 74 -13.54 28.28 28.95
C ARG A 74 -12.58 29.17 29.72
N LYS A 75 -12.54 28.99 31.03
CA LYS A 75 -11.64 29.77 31.87
C LYS A 75 -10.19 29.39 31.59
N ILE A 76 -9.93 28.09 31.47
CA ILE A 76 -8.61 27.59 31.16
C ILE A 76 -8.15 28.16 29.82
N HIS A 77 -9.05 28.11 28.83
CA HIS A 77 -8.77 28.66 27.51
C HIS A 77 -8.38 30.13 27.60
N GLY A 78 -9.08 30.87 28.45
CA GLY A 78 -8.83 32.28 28.61
C GLY A 78 -7.43 32.61 29.11
N LEU A 79 -6.71 31.60 29.59
CA LEU A 79 -5.36 31.83 30.12
C LEU A 79 -4.29 31.88 29.03
N GLY A 80 -4.60 31.31 27.87
CA GLY A 80 -3.66 31.29 26.77
C GLY A 80 -4.17 30.45 25.62
N ASP A 81 -3.91 30.89 24.39
CA ASP A 81 -4.43 30.18 23.23
C ASP A 81 -3.80 28.79 23.07
N ASN A 82 -2.63 28.60 23.67
CA ASN A 82 -1.96 27.30 23.61
C ASN A 82 -2.48 26.32 24.67
N ALA A 83 -3.46 26.76 25.45
CA ALA A 83 -4.04 25.89 26.46
C ALA A 83 -4.89 24.82 25.81
N VAL A 84 -4.77 23.59 26.32
CA VAL A 84 -5.56 22.47 25.86
C VAL A 84 -6.25 21.91 27.09
N VAL A 85 -7.57 21.76 27.02
CA VAL A 85 -8.33 21.33 28.17
C VAL A 85 -8.44 19.81 28.26
N LYS A 86 -7.90 19.25 29.34
CA LYS A 86 -7.94 17.81 29.55
C LYS A 86 -9.24 17.40 30.25
N ILE A 87 -9.94 16.44 29.66
CA ILE A 87 -11.26 16.04 30.07
C ILE A 87 -11.35 14.53 30.07
N PRO A 88 -11.93 13.93 31.12
CA PRO A 88 -11.94 12.47 31.20
C PRO A 88 -12.93 11.80 30.25
N MET A 89 -12.65 10.54 29.92
CA MET A 89 -13.56 9.71 29.15
C MET A 89 -14.78 9.34 29.99
N THR A 90 -15.77 10.22 30.03
CA THR A 90 -17.08 9.95 30.62
C THR A 90 -18.15 10.52 29.71
N GLU A 91 -19.40 10.17 30.01
CA GLU A 91 -20.56 10.68 29.30
C GLU A 91 -20.55 12.20 29.26
N ASP A 92 -20.43 12.82 30.43
CA ASP A 92 -20.35 14.28 30.50
C ASP A 92 -19.10 14.84 29.83
N GLY A 93 -17.99 14.11 29.93
CA GLY A 93 -16.77 14.52 29.24
C GLY A 93 -16.94 14.61 27.74
N LEU A 94 -17.53 13.58 27.13
CA LEU A 94 -17.76 13.58 25.69
C LEU A 94 -18.66 14.73 25.27
N ARG A 95 -19.75 14.93 26.01
CA ARG A 95 -20.63 16.07 25.79
C ARG A 95 -19.84 17.39 25.85
N ALA A 96 -18.99 17.53 26.87
CA ALA A 96 -18.21 18.76 27.02
C ALA A 96 -17.25 18.94 25.83
N ILE A 97 -16.60 17.86 25.45
CA ILE A 97 -15.67 17.92 24.32
C ILE A 97 -16.38 18.39 23.05
N LYS A 98 -17.57 17.87 22.81
CA LYS A 98 -18.33 18.24 21.63
C LYS A 98 -18.66 19.74 21.65
N THR A 99 -19.06 20.23 22.81
CA THR A 99 -19.32 21.65 22.97
C THR A 99 -18.07 22.50 22.78
N LEU A 100 -17.00 22.13 23.46
CA LEU A 100 -15.77 22.91 23.39
C LEU A 100 -15.18 22.90 21.97
N SER A 101 -15.32 21.77 21.29
N SER A 101 -15.29 21.76 21.30
CA SER A 101 -14.80 21.66 19.93
CA SER A 101 -14.83 21.65 19.92
C SER A 101 -15.51 22.63 18.98
C SER A 101 -15.49 22.71 19.06
N SER A 102 -16.81 22.83 19.19
CA SER A 102 -17.58 23.77 18.39
C SER A 102 -17.24 25.22 18.77
N GLU A 103 -16.67 25.42 19.94
CA GLU A 103 -16.21 26.73 20.39
C GLU A 103 -14.73 26.96 20.07
N HIS A 104 -14.17 26.02 19.30
CA HIS A 104 -12.78 26.07 18.90
C HIS A 104 -11.81 26.13 20.08
N ILE A 105 -12.12 25.36 21.11
CA ILE A 105 -11.22 25.18 22.24
C ILE A 105 -10.63 23.78 22.20
N ASN A 106 -9.30 23.70 22.16
CA ASN A 106 -8.63 22.40 22.02
C ASN A 106 -8.78 21.54 23.26
N THR A 107 -8.91 20.23 23.05
CA THR A 107 -9.25 19.29 24.11
C THR A 107 -8.37 18.05 24.07
N ASN A 108 -8.31 17.37 25.20
CA ASN A 108 -7.45 16.21 25.38
C ASN A 108 -8.24 15.26 26.26
N CYS A 109 -8.70 14.15 25.69
CA CYS A 109 -9.51 13.20 26.43
C CYS A 109 -8.63 12.16 27.14
N THR A 110 -8.74 12.08 28.44
CA THR A 110 -7.82 11.26 29.23
C THR A 110 -8.53 10.04 29.82
N LEU A 111 -7.78 9.16 30.47
CA LEU A 111 -8.32 7.93 31.07
C LEU A 111 -8.98 7.02 30.04
N VAL A 112 -8.33 6.90 28.90
CA VAL A 112 -8.76 6.01 27.84
C VAL A 112 -7.98 4.69 27.95
N PHE A 113 -8.69 3.56 27.98
CA PHE A 113 -8.03 2.28 28.17
C PHE A 113 -8.31 1.22 27.11
N ASN A 114 -9.16 1.54 26.14
CA ASN A 114 -9.34 0.64 25.01
C ASN A 114 -9.56 1.45 23.73
N PRO A 115 -9.50 0.79 22.57
CA PRO A 115 -9.57 1.61 21.35
C PRO A 115 -10.95 2.19 21.06
N ILE A 116 -12.01 1.56 21.55
CA ILE A 116 -13.35 2.08 21.24
C ILE A 116 -13.63 3.35 22.04
N GLN A 117 -13.16 3.38 23.28
CA GLN A 117 -13.22 4.63 24.01
C GLN A 117 -12.51 5.73 23.23
N ALA A 118 -11.34 5.42 22.67
CA ALA A 118 -10.57 6.40 21.91
C ALA A 118 -11.37 6.86 20.68
N LEU A 119 -12.06 5.93 20.02
CA LEU A 119 -12.88 6.29 18.88
C LEU A 119 -14.05 7.20 19.28
N LEU A 120 -14.70 6.88 20.39
CA LEU A 120 -15.79 7.73 20.88
C LEU A 120 -15.31 9.17 21.12
N ALA A 121 -14.12 9.31 21.68
CA ALA A 121 -13.58 10.65 21.95
C ALA A 121 -13.30 11.36 20.62
N ALA A 122 -12.71 10.64 19.68
CA ALA A 122 -12.48 11.18 18.35
C ALA A 122 -13.79 11.66 17.73
N LYS A 123 -14.84 10.86 17.88
CA LYS A 123 -16.13 11.19 17.27
C LYS A 123 -16.74 12.42 17.93
N ALA A 124 -16.33 12.71 19.16
CA ALA A 124 -16.79 13.92 19.86
C ALA A 124 -16.02 15.17 19.42
N GLY A 125 -14.93 14.96 18.68
CA GLY A 125 -14.16 16.05 18.10
C GLY A 125 -12.90 16.41 18.88
N VAL A 126 -12.46 15.49 19.73
CA VAL A 126 -11.35 15.79 20.64
C VAL A 126 -10.05 16.03 19.88
N THR A 127 -9.22 16.95 20.38
CA THR A 127 -7.97 17.26 19.71
C THR A 127 -6.94 16.14 19.92
N TYR A 128 -6.88 15.62 21.14
CA TYR A 128 -5.98 14.53 21.49
C TYR A 128 -6.71 13.49 22.30
N VAL A 129 -6.36 12.22 22.12
N VAL A 129 -6.33 12.23 22.14
CA VAL A 129 -6.76 11.20 23.07
CA VAL A 129 -6.77 11.19 23.06
C VAL A 129 -5.52 10.66 23.77
C VAL A 129 -5.54 10.62 23.76
N SER A 130 -5.62 10.43 25.07
CA SER A 130 -4.49 9.97 25.87
C SER A 130 -4.74 8.61 26.50
N PRO A 131 -4.41 7.53 25.78
CA PRO A 131 -4.49 6.20 26.42
C PRO A 131 -3.36 6.00 27.41
N PHE A 132 -3.64 5.35 28.54
CA PHE A 132 -2.66 5.15 29.60
C PHE A 132 -1.95 3.79 29.52
N VAL A 133 -0.86 3.71 28.76
CA VAL A 133 -0.26 2.39 28.48
C VAL A 133 0.33 1.73 29.73
N GLY A 134 0.97 2.54 30.59
CA GLY A 134 1.59 2.01 31.80
C GLY A 134 0.59 1.37 32.75
N ARG A 135 -0.59 1.96 32.83
CA ARG A 135 -1.62 1.44 33.71
C ARG A 135 -2.19 0.14 33.17
N LEU A 136 -2.18 0.00 31.84
CA LEU A 136 -2.54 -1.27 31.24
C LEU A 136 -1.46 -2.31 31.55
N ASP A 137 -0.19 -1.95 31.38
CA ASP A 137 0.90 -2.84 31.77
C ASP A 137 0.74 -3.28 33.21
N ASP A 138 0.37 -2.34 34.08
CA ASP A 138 0.18 -2.60 35.50
C ASP A 138 -0.78 -3.77 35.75
N ILE A 139 -1.77 -3.93 34.87
CA ILE A 139 -2.77 -4.97 35.08
C ILE A 139 -2.62 -6.15 34.12
N GLY A 140 -1.43 -6.31 33.56
CA GLY A 140 -1.06 -7.54 32.88
C GLY A 140 -1.48 -7.58 31.43
N GLU A 141 -1.76 -6.41 30.88
CA GLU A 141 -2.13 -6.27 29.50
C GLU A 141 -1.11 -5.36 28.81
N ASP A 142 -0.58 -5.79 27.67
CA ASP A 142 0.42 -5.00 26.96
C ASP A 142 -0.19 -3.72 26.40
N GLY A 143 0.03 -2.61 27.11
CA GLY A 143 -0.59 -1.35 26.77
C GLY A 143 -0.37 -0.85 25.36
N MET A 144 0.80 -1.14 24.79
CA MET A 144 1.11 -0.67 23.46
C MET A 144 0.22 -1.28 22.39
N GLN A 145 -0.38 -2.44 22.66
CA GLN A 145 -1.29 -3.04 21.67
C GLN A 145 -2.51 -2.17 21.44
N ILE A 146 -2.93 -1.46 22.48
CA ILE A 146 -4.09 -0.58 22.35
C ILE A 146 -3.72 0.61 21.47
N ILE A 147 -2.50 1.11 21.62
CA ILE A 147 -2.04 2.18 20.76
C ILE A 147 -2.02 1.73 19.31
N ASP A 148 -1.53 0.51 19.07
CA ASP A 148 -1.43 -0.01 17.72
C ASP A 148 -2.83 -0.09 17.10
N MET A 149 -3.81 -0.55 17.88
CA MET A 149 -5.18 -0.63 17.36
C MET A 149 -5.80 0.75 17.09
N ILE A 150 -5.57 1.70 17.99
CA ILE A 150 -6.09 3.04 17.77
C ILE A 150 -5.48 3.66 16.51
N ARG A 151 -4.18 3.47 16.30
CA ARG A 151 -3.53 3.98 15.10
C ARG A 151 -4.22 3.42 13.84
N THR A 152 -4.49 2.11 13.84
CA THR A 152 -5.16 1.51 12.68
C THR A 152 -6.57 2.09 12.50
N ILE A 153 -7.32 2.16 13.58
CA ILE A 153 -8.68 2.69 13.51
C ILE A 153 -8.72 4.13 13.01
N PHE A 154 -7.86 4.98 13.58
CA PHE A 154 -7.79 6.37 13.14
C PHE A 154 -7.37 6.47 11.68
N ASN A 155 -6.43 5.63 11.28
CA ASN A 155 -6.03 5.59 9.87
C ASN A 155 -7.20 5.22 8.96
N ASN A 156 -7.97 4.21 9.35
CA ASN A 156 -9.10 3.75 8.55
C ASN A 156 -10.07 4.88 8.23
N TYR A 157 -10.33 5.71 9.24
CA TYR A 157 -11.37 6.74 9.11
C TYR A 157 -10.80 8.15 8.91
N ILE A 158 -9.51 8.24 8.62
CA ILE A 158 -8.85 9.53 8.39
C ILE A 158 -9.13 10.47 9.55
N ILE A 159 -9.06 9.93 10.76
CA ILE A 159 -9.39 10.70 11.95
C ILE A 159 -8.25 11.66 12.28
N LYS A 160 -8.61 12.91 12.59
CA LYS A 160 -7.62 13.98 12.78
C LYS A 160 -7.21 14.15 14.24
N THR A 161 -7.95 13.50 15.12
CA THR A 161 -7.60 13.43 16.53
C THR A 161 -6.20 12.85 16.66
N GLN A 162 -5.37 13.48 17.47
CA GLN A 162 -4.01 13.00 17.66
C GLN A 162 -3.93 11.97 18.80
N ILE A 163 -3.20 10.88 18.56
CA ILE A 163 -2.96 9.89 19.59
C ILE A 163 -1.82 10.37 20.47
N LEU A 164 -2.11 10.55 21.76
CA LEU A 164 -1.16 11.08 22.72
C LEU A 164 -0.89 9.99 23.75
N VAL A 165 0.18 9.23 23.57
CA VAL A 165 0.50 8.12 24.47
C VAL A 165 0.92 8.62 25.85
N ALA A 166 0.18 8.21 26.87
CA ALA A 166 0.45 8.70 28.21
C ALA A 166 0.67 7.55 29.17
N SER A 167 0.93 7.87 30.43
CA SER A 167 1.32 6.87 31.42
C SER A 167 2.53 6.10 30.88
N ILE A 168 3.53 6.83 30.40
CA ILE A 168 4.72 6.22 29.85
C ILE A 168 5.74 5.91 30.95
N ARG A 169 6.30 4.70 30.94
CA ARG A 169 7.13 4.26 32.06
C ARG A 169 8.58 4.02 31.68
N ASN A 170 8.87 3.86 30.40
CA ASN A 170 10.20 3.45 29.98
C ASN A 170 10.43 3.81 28.51
N PRO A 171 11.69 3.81 28.05
CA PRO A 171 11.99 4.22 26.66
C PRO A 171 11.43 3.27 25.60
N ILE A 172 11.00 2.08 25.98
CA ILE A 172 10.47 1.14 24.99
C ILE A 172 9.02 1.49 24.65
N HIS A 173 8.27 2.01 25.63
CA HIS A 173 6.98 2.61 25.31
C HIS A 173 7.17 3.66 24.22
N VAL A 174 8.23 4.44 24.32
CA VAL A 174 8.51 5.50 23.35
C VAL A 174 8.89 4.94 21.98
N LEU A 175 9.83 4.01 21.98
CA LEU A 175 10.26 3.37 20.73
C LEU A 175 9.06 2.75 20.02
N ARG A 176 8.27 1.98 20.75
CA ARG A 176 7.12 1.30 20.16
C ARG A 176 6.05 2.30 19.67
N SER A 177 5.90 3.41 20.38
CA SER A 177 4.97 4.46 19.95
C SER A 177 5.40 5.01 18.60
N ALA A 178 6.71 5.19 18.42
CA ALA A 178 7.23 5.79 17.20
C ALA A 178 7.13 4.81 16.05
N VAL A 179 7.39 3.54 16.31
CA VAL A 179 7.28 2.51 15.27
C VAL A 179 5.82 2.31 14.83
N ILE A 180 4.91 2.37 15.79
CA ILE A 180 3.46 2.34 15.50
C ILE A 180 3.04 3.55 14.69
N GLY A 181 3.55 4.72 15.08
CA GLY A 181 3.20 5.95 14.42
C GLY A 181 2.23 6.82 15.21
N ALA A 182 2.23 6.68 16.54
CA ALA A 182 1.42 7.58 17.37
C ALA A 182 1.88 9.02 17.15
N ASP A 183 0.94 9.96 17.26
CA ASP A 183 1.24 11.35 16.94
C ASP A 183 2.11 12.02 18.00
N VAL A 184 1.90 11.62 19.26
CA VAL A 184 2.54 12.28 20.40
C VAL A 184 2.80 11.26 21.49
N VAL A 185 3.91 11.44 22.20
CA VAL A 185 4.12 10.81 23.49
C VAL A 185 4.32 11.91 24.53
N THR A 186 3.84 11.69 25.75
CA THR A 186 4.18 12.60 26.85
C THR A 186 4.94 11.80 27.89
N VAL A 187 6.09 12.32 28.30
CA VAL A 187 6.98 11.57 29.18
C VAL A 187 7.45 12.46 30.31
N PRO A 188 7.72 11.84 31.47
CA PRO A 188 8.37 12.48 32.61
C PRO A 188 9.79 12.88 32.23
N PHE A 189 10.35 13.86 32.93
CA PHE A 189 11.67 14.38 32.58
C PHE A 189 12.76 13.31 32.64
N ASN A 190 12.63 12.39 33.58
CA ASN A 190 13.66 11.35 33.74
C ASN A 190 13.64 10.39 32.55
N VAL A 191 12.44 10.10 32.03
CA VAL A 191 12.35 9.34 30.80
C VAL A 191 12.94 10.15 29.65
N LEU A 192 12.51 11.41 29.52
CA LEU A 192 13.01 12.27 28.45
C LEU A 192 14.54 12.23 28.40
N LYS A 193 15.17 12.44 29.55
CA LYS A 193 16.63 12.50 29.58
C LYS A 193 17.26 11.18 29.13
N SER A 194 16.67 10.06 29.54
CA SER A 194 17.23 8.75 29.21
C SER A 194 17.16 8.45 27.71
N LEU A 195 16.22 9.09 27.02
CA LEU A 195 16.02 8.84 25.59
C LEU A 195 17.24 9.15 24.73
N MET A 196 18.07 10.09 25.16
CA MET A 196 19.21 10.47 24.33
C MET A 196 20.47 9.67 24.62
N LYS A 197 20.39 8.78 25.60
CA LYS A 197 21.60 8.12 26.06
C LYS A 197 21.76 6.67 25.59
N HIS A 198 23.00 6.27 25.36
CA HIS A 198 23.33 4.89 25.05
C HIS A 198 24.80 4.69 25.41
N PRO A 199 25.14 3.54 26.00
CA PRO A 199 26.52 3.33 26.46
C PRO A 199 27.55 3.36 25.31
N LYS A 200 27.15 2.96 24.11
CA LYS A 200 28.05 3.03 22.97
C LYS A 200 28.27 4.48 22.51
N THR A 201 27.29 5.34 22.78
CA THR A 201 27.46 6.77 22.50
C THR A 201 28.53 7.33 23.43
N ASP A 202 28.44 6.98 24.72
CA ASP A 202 29.42 7.45 25.70
C ASP A 202 30.82 6.93 25.35
N GLU A 203 30.90 5.66 24.96
CA GLU A 203 32.18 5.05 24.60
C GLU A 203 32.76 5.68 23.35
N GLY A 204 31.92 5.91 22.35
CA GLY A 204 32.33 6.57 21.13
C GLY A 204 32.85 7.96 21.37
N LEU A 205 32.21 8.68 22.30
CA LEU A 205 32.64 10.04 22.60
C LEU A 205 34.04 10.04 23.21
N ALA A 206 34.31 9.08 24.09
CA ALA A 206 35.63 8.99 24.71
C ALA A 206 36.68 8.57 23.69
N LYS A 207 36.27 7.69 22.78
CA LYS A 207 37.17 7.21 21.73
C LYS A 207 37.53 8.34 20.78
N PHE A 208 36.53 9.14 20.42
N PHE A 208 36.55 9.16 20.42
CA PHE A 208 36.73 10.29 19.54
CA PHE A 208 36.82 10.26 19.49
C PHE A 208 37.75 11.24 20.16
C PHE A 208 37.69 11.35 20.13
N LEU A 209 37.55 11.55 21.43
CA LEU A 209 38.41 12.50 22.14
C LEU A 209 39.85 12.01 22.17
N GLU A 210 40.03 10.71 22.34
CA GLU A 210 41.37 10.14 22.38
C GLU A 210 42.02 10.11 21.00
N ASP A 211 41.27 9.63 20.00
CA ASP A 211 41.73 9.67 18.61
C ASP A 211 42.20 11.09 18.28
N TRP A 212 41.40 12.07 18.72
CA TRP A 212 41.63 13.46 18.38
C TRP A 212 42.91 14.04 18.97
N LYS A 213 43.24 13.64 20.21
CA LYS A 213 44.44 14.17 20.85
C LYS A 213 45.71 13.47 20.39
N LYS A 214 45.56 12.57 19.43
CA LYS A 214 46.70 12.05 18.68
C LYS A 214 46.94 13.01 17.52
N VAL A 215 45.85 13.35 16.82
CA VAL A 215 45.89 14.27 15.70
C VAL A 215 46.32 15.66 16.15
N SER A 216 45.98 16.02 17.39
CA SER A 216 46.32 17.33 17.93
C SER A 216 46.38 17.31 19.45
N PRO A 217 47.61 17.18 19.99
CA PRO A 217 47.83 17.18 21.45
C PRO A 217 47.30 18.45 22.09
N ASP A 218 47.17 19.50 21.27
CA ASP A 218 46.70 20.79 21.75
C ASP A 218 45.64 21.38 20.82
N MET B 1 -16.11 5.75 11.83
CA MET B 1 -17.16 4.73 11.97
C MET B 1 -18.38 5.34 12.66
N LYS B 2 -19.53 5.33 11.98
CA LYS B 2 -20.78 5.76 12.62
C LYS B 2 -21.30 4.68 13.57
N ILE B 3 -22.04 5.10 14.59
CA ILE B 3 -22.65 4.16 15.51
C ILE B 3 -24.16 4.39 15.55
N PHE B 4 -24.90 3.37 15.13
CA PHE B 4 -26.36 3.40 15.15
C PHE B 4 -26.86 2.56 16.30
N LEU B 5 -28.07 2.86 16.75
CA LEU B 5 -28.72 2.08 17.80
C LEU B 5 -29.75 1.12 17.18
N ASP B 6 -29.65 -0.15 17.51
CA ASP B 6 -30.46 -1.20 16.89
C ASP B 6 -31.62 -1.54 17.82
N THR B 7 -32.72 -0.80 17.68
CA THR B 7 -33.88 -1.00 18.54
C THR B 7 -35.04 -0.17 18.06
N ALA B 8 -36.25 -0.55 18.47
CA ALA B 8 -37.41 0.31 18.27
C ALA B 8 -37.95 0.76 19.63
N ASN B 9 -37.21 0.48 20.69
CA ASN B 9 -37.60 0.94 22.03
C ASN B 9 -37.36 2.44 22.18
N ILE B 10 -38.43 3.22 22.29
CA ILE B 10 -38.31 4.67 22.29
C ILE B 10 -37.55 5.18 23.51
N ASP B 11 -37.75 4.53 24.66
CA ASP B 11 -37.02 4.91 25.87
C ASP B 11 -35.51 4.77 25.65
N GLU B 12 -35.09 3.63 25.10
CA GLU B 12 -33.68 3.40 24.81
C GLU B 12 -33.14 4.43 23.83
N ILE B 13 -33.92 4.72 22.80
CA ILE B 13 -33.51 5.65 21.76
C ILE B 13 -33.32 7.06 22.34
N ARG B 14 -34.29 7.53 23.12
CA ARG B 14 -34.16 8.83 23.77
C ARG B 14 -32.89 8.88 24.64
N THR B 15 -32.69 7.85 25.43
CA THR B 15 -31.54 7.77 26.34
C THR B 15 -30.20 7.81 25.60
N GLY B 16 -30.07 6.98 24.56
CA GLY B 16 -28.86 6.93 23.76
C GLY B 16 -28.59 8.23 22.99
N VAL B 17 -29.64 8.84 22.46
CA VAL B 17 -29.51 10.09 21.73
C VAL B 17 -29.09 11.21 22.67
N ASN B 18 -29.63 11.19 23.89
CA ASN B 18 -29.25 12.17 24.90
C ASN B 18 -27.77 12.06 25.29
N TRP B 19 -27.21 10.86 25.18
CA TRP B 19 -25.80 10.67 25.47
C TRP B 19 -24.90 11.27 24.38
N GLY B 20 -25.49 11.58 23.23
CA GLY B 20 -24.74 12.19 22.14
C GLY B 20 -23.86 11.25 21.33
N ILE B 21 -23.96 9.94 21.55
CA ILE B 21 -23.13 8.99 20.82
C ILE B 21 -23.88 8.11 19.83
N VAL B 22 -25.15 8.46 19.57
CA VAL B 22 -25.96 7.73 18.61
C VAL B 22 -26.09 8.55 17.32
N ASP B 23 -25.70 7.97 16.19
CA ASP B 23 -25.66 8.68 14.92
C ASP B 23 -26.84 8.32 14.04
N GLY B 24 -27.61 7.34 14.49
CA GLY B 24 -28.77 6.88 13.75
C GLY B 24 -29.35 5.65 14.40
N VAL B 25 -30.40 5.09 13.82
CA VAL B 25 -31.13 3.99 14.43
C VAL B 25 -31.49 2.99 13.35
N THR B 26 -31.46 1.71 13.71
CA THR B 26 -31.97 0.69 12.81
C THR B 26 -33.12 -0.06 13.50
N THR B 27 -34.16 -0.36 12.73
CA THR B 27 -35.27 -1.16 13.22
C THR B 27 -35.49 -2.33 12.26
N ASN B 28 -36.28 -3.30 12.68
CA ASN B 28 -36.71 -4.37 11.78
C ASN B 28 -38.10 -4.82 12.24
N PRO B 29 -38.77 -5.70 11.47
CA PRO B 29 -40.16 -6.01 11.83
C PRO B 29 -40.28 -6.64 13.22
N THR B 30 -39.31 -7.46 13.60
CA THR B 30 -39.32 -8.05 14.95
C THR B 30 -39.22 -6.98 16.04
N LEU B 31 -38.20 -6.13 15.93
CA LEU B 31 -37.99 -5.08 16.93
C LEU B 31 -39.22 -4.22 17.08
N ILE B 32 -39.81 -3.81 15.96
CA ILE B 32 -41.00 -2.96 16.01
C ILE B 32 -42.20 -3.67 16.62
N SER B 33 -42.43 -4.92 16.23
CA SER B 33 -43.55 -5.69 16.76
C SER B 33 -43.40 -5.84 18.28
N LYS B 34 -42.15 -5.89 18.74
CA LYS B 34 -41.87 -6.00 20.17
C LYS B 34 -42.39 -4.77 20.93
N GLU B 35 -42.35 -3.60 20.30
CA GLU B 35 -42.73 -2.36 20.95
C GLU B 35 -44.21 -2.06 20.73
N ALA B 36 -44.73 -2.50 19.60
CA ALA B 36 -46.12 -2.23 19.22
C ALA B 36 -47.09 -3.14 19.96
N VAL B 37 -47.11 -3.04 21.28
CA VAL B 37 -47.95 -3.90 22.10
C VAL B 37 -48.84 -3.08 23.04
N ASN B 38 -49.92 -3.70 23.49
CA ASN B 38 -50.81 -3.07 24.47
C ASN B 38 -51.31 -1.69 24.02
N GLY B 39 -51.78 -1.61 22.78
CA GLY B 39 -52.40 -0.39 22.27
C GLY B 39 -51.52 0.47 21.38
N LYS B 40 -50.20 0.30 21.50
CA LYS B 40 -49.26 1.10 20.73
C LYS B 40 -49.20 0.59 19.28
N LYS B 41 -49.32 1.52 18.33
CA LYS B 41 -49.39 1.16 16.92
C LYS B 41 -48.03 1.31 16.25
N TYR B 42 -47.70 0.37 15.36
CA TYR B 42 -46.41 0.42 14.69
C TYR B 42 -46.18 1.71 13.90
N GLY B 43 -47.26 2.24 13.33
CA GLY B 43 -47.17 3.50 12.60
C GLY B 43 -46.75 4.68 13.45
N ASP B 44 -47.24 4.74 14.69
CA ASP B 44 -46.87 5.80 15.62
C ASP B 44 -45.43 5.63 16.10
N ILE B 45 -45.03 4.39 16.36
CA ILE B 45 -43.67 4.11 16.79
C ILE B 45 -42.66 4.56 15.73
N ILE B 46 -42.93 4.24 14.47
CA ILE B 46 -42.04 4.63 13.38
C ILE B 46 -41.95 6.13 13.24
N ARG B 47 -43.09 6.82 13.25
CA ARG B 47 -43.08 8.28 13.12
C ARG B 47 -42.34 8.91 14.30
N GLU B 48 -42.51 8.35 15.49
CA GLU B 48 -41.87 8.92 16.67
C GLU B 48 -40.35 8.84 16.55
N ILE B 49 -39.84 7.68 16.15
CA ILE B 49 -38.39 7.51 15.99
C ILE B 49 -37.83 8.52 14.98
N LEU B 50 -38.52 8.69 13.85
CA LEU B 50 -38.02 9.57 12.80
C LEU B 50 -37.87 11.00 13.29
N LYS B 51 -38.75 11.40 14.20
CA LYS B 51 -38.72 12.75 14.76
C LYS B 51 -37.64 12.91 15.82
N ILE B 52 -37.51 11.91 16.68
CA ILE B 52 -36.54 11.91 17.77
C ILE B 52 -35.11 11.88 17.26
N VAL B 53 -34.87 11.04 16.25
CA VAL B 53 -33.53 10.80 15.75
C VAL B 53 -33.23 11.72 14.57
N ASP B 54 -32.09 12.41 14.65
CA ASP B 54 -31.68 13.33 13.60
C ASP B 54 -31.09 12.57 12.41
N GLY B 55 -30.37 11.50 12.71
CA GLY B 55 -29.62 10.76 11.70
C GLY B 55 -30.46 9.74 10.97
N PRO B 56 -29.80 8.89 10.18
CA PRO B 56 -30.51 7.87 9.40
C PRO B 56 -31.32 6.95 10.30
N VAL B 57 -32.56 6.69 9.90
CA VAL B 57 -33.41 5.71 10.55
C VAL B 57 -33.89 4.68 9.54
N SER B 58 -33.51 3.43 9.75
CA SER B 58 -33.88 2.36 8.82
C SER B 58 -35.18 1.68 9.22
N VAL B 59 -36.09 1.61 8.26
CA VAL B 59 -37.38 0.97 8.46
C VAL B 59 -37.56 -0.05 7.35
N GLU B 60 -37.93 -1.27 7.71
CA GLU B 60 -37.93 -2.39 6.76
C GLU B 60 -39.29 -2.60 6.13
N VAL B 61 -39.31 -2.78 4.80
CA VAL B 61 -40.54 -3.17 4.11
C VAL B 61 -40.96 -4.57 4.57
N VAL B 62 -42.21 -4.93 4.36
CA VAL B 62 -42.65 -6.26 4.77
C VAL B 62 -43.11 -7.10 3.59
N SER B 63 -43.42 -6.44 2.48
CA SER B 63 -43.78 -7.15 1.25
C SER B 63 -42.60 -7.97 0.75
N THR B 64 -42.89 -9.13 0.18
CA THR B 64 -41.82 -9.98 -0.36
C THR B 64 -41.80 -9.88 -1.88
N LYS B 65 -42.74 -9.12 -2.43
CA LYS B 65 -42.85 -8.96 -3.87
C LYS B 65 -42.31 -7.59 -4.29
N TYR B 66 -41.74 -7.52 -5.49
CA TYR B 66 -41.13 -6.31 -5.98
C TYR B 66 -42.07 -5.11 -5.88
N GLU B 67 -43.29 -5.27 -6.40
CA GLU B 67 -44.23 -4.15 -6.42
C GLU B 67 -44.58 -3.67 -5.02
N GLY B 68 -44.86 -4.61 -4.12
CA GLY B 68 -45.19 -4.25 -2.74
C GLY B 68 -44.03 -3.58 -2.02
N MET B 69 -42.82 -4.06 -2.25
CA MET B 69 -41.65 -3.47 -1.61
C MET B 69 -41.45 -2.02 -2.04
N VAL B 70 -41.54 -1.76 -3.34
CA VAL B 70 -41.33 -0.41 -3.84
C VAL B 70 -42.43 0.53 -3.32
N GLU B 71 -43.66 0.04 -3.32
CA GLU B 71 -44.79 0.80 -2.78
C GLU B 71 -44.56 1.17 -1.32
N GLU B 72 -44.23 0.17 -0.51
CA GLU B 72 -43.97 0.41 0.91
C GLU B 72 -42.75 1.32 1.11
N ALA B 73 -41.72 1.12 0.29
CA ALA B 73 -40.52 1.95 0.38
C ALA B 73 -40.83 3.41 0.15
N ARG B 74 -41.67 3.69 -0.85
CA ARG B 74 -42.04 5.08 -1.14
C ARG B 74 -42.81 5.70 0.02
N LYS B 75 -43.64 4.91 0.70
CA LYS B 75 -44.36 5.41 1.86
C LYS B 75 -43.40 5.69 3.01
N ILE B 76 -42.46 4.78 3.23
CA ILE B 76 -41.46 4.97 4.27
C ILE B 76 -40.67 6.23 3.99
N HIS B 77 -40.24 6.36 2.74
CA HIS B 77 -39.45 7.52 2.32
C HIS B 77 -40.16 8.83 2.60
N GLY B 78 -41.48 8.83 2.40
CA GLY B 78 -42.27 10.04 2.55
C GLY B 78 -42.50 10.44 3.99
N LEU B 79 -42.05 9.62 4.93
CA LEU B 79 -42.26 9.92 6.34
C LEU B 79 -41.25 10.95 6.84
N GLY B 80 -40.14 11.08 6.12
CA GLY B 80 -39.10 12.01 6.50
C GLY B 80 -37.82 11.80 5.71
N ASP B 81 -37.01 12.86 5.60
CA ASP B 81 -35.78 12.81 4.81
C ASP B 81 -34.73 11.86 5.40
N ASN B 82 -34.82 11.61 6.71
CA ASN B 82 -33.86 10.71 7.35
C ASN B 82 -34.23 9.23 7.25
N ALA B 83 -35.39 8.92 6.68
CA ALA B 83 -35.80 7.51 6.56
C ALA B 83 -34.92 6.78 5.54
N VAL B 84 -34.48 5.58 5.92
CA VAL B 84 -33.76 4.70 5.01
C VAL B 84 -34.58 3.42 4.88
N VAL B 85 -34.87 3.01 3.64
CA VAL B 85 -35.71 1.86 3.41
C VAL B 85 -34.90 0.57 3.50
N LYS B 86 -35.24 -0.29 4.45
CA LYS B 86 -34.54 -1.57 4.60
C LYS B 86 -35.23 -2.59 3.71
N ILE B 87 -34.45 -3.33 2.95
CA ILE B 87 -34.93 -4.28 1.94
C ILE B 87 -34.17 -5.58 2.13
N PRO B 88 -34.89 -6.71 2.16
CA PRO B 88 -34.16 -7.99 2.33
C PRO B 88 -33.35 -8.41 1.10
N MET B 89 -32.27 -9.16 1.33
CA MET B 89 -31.47 -9.70 0.24
C MET B 89 -32.22 -10.84 -0.44
N THR B 90 -33.09 -10.51 -1.38
CA THR B 90 -33.78 -11.51 -2.22
C THR B 90 -33.74 -11.01 -3.67
N GLU B 91 -34.11 -11.87 -4.61
CA GLU B 91 -34.20 -11.44 -6.01
C GLU B 91 -35.08 -10.18 -6.17
N ASP B 92 -36.27 -10.19 -5.58
CA ASP B 92 -37.18 -9.04 -5.69
C ASP B 92 -36.59 -7.84 -4.96
N GLY B 93 -35.88 -8.12 -3.87
CA GLY B 93 -35.23 -7.06 -3.12
C GLY B 93 -34.17 -6.31 -3.93
N LEU B 94 -33.36 -7.05 -4.68
CA LEU B 94 -32.32 -6.44 -5.51
C LEU B 94 -32.96 -5.58 -6.60
N ARG B 95 -34.04 -6.09 -7.18
CA ARG B 95 -34.82 -5.31 -8.16
C ARG B 95 -35.35 -4.01 -7.53
N ALA B 96 -35.88 -4.12 -6.31
CA ALA B 96 -36.43 -2.95 -5.63
C ALA B 96 -35.33 -1.96 -5.32
N ILE B 97 -34.19 -2.45 -4.86
CA ILE B 97 -33.07 -1.56 -4.56
C ILE B 97 -32.63 -0.79 -5.79
N LYS B 98 -32.48 -1.48 -6.92
CA LYS B 98 -32.10 -0.81 -8.15
C LYS B 98 -33.10 0.29 -8.53
N THR B 99 -34.39 -0.01 -8.45
CA THR B 99 -35.40 1.01 -8.72
C THR B 99 -35.39 2.15 -7.70
N LEU B 100 -35.32 1.81 -6.42
CA LEU B 100 -35.31 2.84 -5.38
C LEU B 100 -34.08 3.73 -5.49
N SER B 101 -32.94 3.14 -5.87
N SER B 101 -32.94 3.14 -5.85
CA SER B 101 -31.69 3.88 -5.99
CA SER B 101 -31.69 3.89 -6.00
C SER B 101 -31.78 4.93 -7.10
C SER B 101 -31.82 4.94 -7.09
N SER B 102 -32.29 4.51 -8.26
CA SER B 102 -32.49 5.43 -9.37
C SER B 102 -33.46 6.55 -9.02
N GLU B 103 -34.31 6.31 -8.03
CA GLU B 103 -35.25 7.35 -7.56
C GLU B 103 -34.67 8.18 -6.41
N HIS B 104 -33.38 7.97 -6.13
CA HIS B 104 -32.66 8.67 -5.07
C HIS B 104 -33.28 8.48 -3.68
N ILE B 105 -33.77 7.28 -3.42
CA ILE B 105 -34.29 6.91 -2.12
C ILE B 105 -33.23 6.03 -1.45
N ASN B 106 -32.79 6.43 -0.26
CA ASN B 106 -31.74 5.71 0.46
C ASN B 106 -32.24 4.34 0.88
N THR B 107 -31.37 3.33 0.74
CA THR B 107 -31.73 1.95 0.99
C THR B 107 -30.71 1.24 1.86
N ASN B 108 -31.15 0.16 2.49
CA ASN B 108 -30.31 -0.63 3.39
C ASN B 108 -30.67 -2.09 3.14
N CYS B 109 -29.75 -2.87 2.59
CA CYS B 109 -30.04 -4.28 2.28
C CYS B 109 -29.68 -5.15 3.47
N THR B 110 -30.67 -5.85 4.01
CA THR B 110 -30.50 -6.60 5.24
C THR B 110 -30.55 -8.11 4.99
N LEU B 111 -30.35 -8.88 6.07
CA LEU B 111 -30.30 -10.34 6.02
C LEU B 111 -29.20 -10.83 5.06
N VAL B 112 -28.04 -10.22 5.15
CA VAL B 112 -26.89 -10.57 4.36
C VAL B 112 -25.95 -11.42 5.24
N PHE B 113 -25.52 -12.56 4.71
CA PHE B 113 -24.76 -13.53 5.49
C PHE B 113 -23.43 -13.98 4.89
N ASN B 114 -23.10 -13.48 3.71
CA ASN B 114 -21.79 -13.76 3.12
C ASN B 114 -21.38 -12.55 2.28
N PRO B 115 -20.12 -12.52 1.84
CA PRO B 115 -19.66 -11.30 1.17
C PRO B 115 -20.21 -11.16 -0.24
N ILE B 116 -20.55 -12.26 -0.90
CA ILE B 116 -21.08 -12.14 -2.27
C ILE B 116 -22.49 -11.56 -2.27
N GLN B 117 -23.32 -11.93 -1.31
CA GLN B 117 -24.61 -11.25 -1.14
C GLN B 117 -24.40 -9.73 -0.96
N ALA B 118 -23.43 -9.36 -0.12
CA ALA B 118 -23.13 -7.96 0.07
C ALA B 118 -22.74 -7.26 -1.24
N LEU B 119 -21.91 -7.93 -2.03
CA LEU B 119 -21.49 -7.37 -3.32
C LEU B 119 -22.67 -7.16 -4.26
N LEU B 120 -23.58 -8.14 -4.29
CA LEU B 120 -24.76 -8.02 -5.15
C LEU B 120 -25.58 -6.80 -4.73
N ALA B 121 -25.75 -6.62 -3.43
CA ALA B 121 -26.50 -5.47 -2.92
C ALA B 121 -25.85 -4.16 -3.37
N ALA B 122 -24.53 -4.07 -3.21
CA ALA B 122 -23.79 -2.91 -3.69
C ALA B 122 -23.99 -2.68 -5.19
N LYS B 123 -24.00 -3.75 -5.97
CA LYS B 123 -24.10 -3.62 -7.42
C LYS B 123 -25.48 -3.09 -7.79
N ALA B 124 -26.47 -3.36 -6.95
CA ALA B 124 -27.83 -2.88 -7.19
C ALA B 124 -27.97 -1.41 -6.79
N GLY B 125 -26.91 -0.88 -6.17
CA GLY B 125 -26.86 0.53 -5.80
C GLY B 125 -27.28 0.86 -4.37
N VAL B 126 -27.30 -0.13 -3.49
CA VAL B 126 -27.77 0.08 -2.13
C VAL B 126 -26.90 1.06 -1.33
N THR B 127 -27.52 1.85 -0.45
CA THR B 127 -26.78 2.84 0.30
C THR B 127 -25.96 2.18 1.40
N TYR B 128 -26.56 1.20 2.07
CA TYR B 128 -25.92 0.47 3.16
C TYR B 128 -26.17 -1.00 2.95
N VAL B 129 -25.22 -1.83 3.35
CA VAL B 129 -25.48 -3.26 3.39
C VAL B 129 -25.26 -3.71 4.83
N SER B 130 -26.13 -4.57 5.36
CA SER B 130 -26.09 -4.98 6.77
C SER B 130 -25.91 -6.49 6.95
N PRO B 131 -24.66 -6.96 6.97
CA PRO B 131 -24.40 -8.37 7.28
C PRO B 131 -24.63 -8.64 8.77
N PHE B 132 -25.11 -9.82 9.09
CA PHE B 132 -25.52 -10.17 10.45
C PHE B 132 -24.47 -11.00 11.17
N VAL B 133 -23.54 -10.36 11.90
CA VAL B 133 -22.43 -11.11 12.46
C VAL B 133 -22.84 -12.07 13.58
N GLY B 134 -23.76 -11.63 14.44
CA GLY B 134 -24.16 -12.43 15.59
C GLY B 134 -24.89 -13.70 15.19
N ARG B 135 -25.67 -13.63 14.12
CA ARG B 135 -26.39 -14.82 13.64
C ARG B 135 -25.47 -15.84 13.00
N LEU B 136 -24.36 -15.35 12.44
CA LEU B 136 -23.32 -16.25 11.96
C LEU B 136 -22.61 -16.89 13.14
N ASP B 137 -22.31 -16.09 14.16
CA ASP B 137 -21.68 -16.63 15.37
C ASP B 137 -22.57 -17.75 15.92
N ASP B 138 -23.89 -17.52 15.90
CA ASP B 138 -24.87 -18.48 16.43
C ASP B 138 -24.72 -19.84 15.76
N ILE B 139 -24.38 -19.85 14.48
CA ILE B 139 -24.25 -21.11 13.74
C ILE B 139 -22.80 -21.57 13.59
N GLY B 140 -21.93 -21.03 14.44
CA GLY B 140 -20.59 -21.58 14.57
C GLY B 140 -19.59 -21.08 13.54
N GLU B 141 -19.88 -19.91 12.99
CA GLU B 141 -18.97 -19.30 12.03
C GLU B 141 -18.61 -17.92 12.59
N ASP B 142 -17.33 -17.53 12.56
CA ASP B 142 -16.93 -16.23 13.12
C ASP B 142 -17.45 -15.17 12.16
N GLY B 143 -18.57 -14.53 12.54
CA GLY B 143 -19.21 -13.55 11.67
C GLY B 143 -18.31 -12.41 11.24
N MET B 144 -17.36 -12.04 12.08
CA MET B 144 -16.53 -10.89 11.74
C MET B 144 -15.67 -11.14 10.49
N GLN B 145 -15.37 -12.39 10.18
CA GLN B 145 -14.57 -12.68 8.99
C GLN B 145 -15.30 -12.24 7.71
N ILE B 146 -16.62 -12.30 7.75
CA ILE B 146 -17.41 -11.86 6.59
C ILE B 146 -17.29 -10.34 6.42
N ILE B 147 -17.24 -9.61 7.53
CA ILE B 147 -17.07 -8.17 7.46
C ILE B 147 -15.70 -7.85 6.86
N ASP B 148 -14.67 -8.58 7.29
CA ASP B 148 -13.32 -8.35 6.79
C ASP B 148 -13.27 -8.56 5.27
N MET B 149 -13.90 -9.63 4.79
CA MET B 149 -13.91 -9.88 3.34
C MET B 149 -14.70 -8.83 2.58
N ILE B 150 -15.84 -8.42 3.11
CA ILE B 150 -16.63 -7.38 2.46
C ILE B 150 -15.82 -6.08 2.36
N ARG B 151 -15.10 -5.73 3.43
CA ARG B 151 -14.27 -4.52 3.42
C ARG B 151 -13.24 -4.62 2.31
N THR B 152 -12.61 -5.79 2.18
CA THR B 152 -11.61 -5.98 1.14
C THR B 152 -12.21 -5.87 -0.26
N ILE B 153 -13.33 -6.55 -0.46
CA ILE B 153 -14.01 -6.50 -1.76
C ILE B 153 -14.44 -5.08 -2.11
N PHE B 154 -15.05 -4.38 -1.16
CA PHE B 154 -15.46 -3.01 -1.40
C PHE B 154 -14.27 -2.09 -1.70
N ASN B 155 -13.18 -2.24 -0.94
CA ASN B 155 -11.95 -1.52 -1.27
C ASN B 155 -11.41 -1.79 -2.68
N ASN B 156 -11.43 -3.06 -3.10
CA ASN B 156 -10.94 -3.42 -4.42
C ASN B 156 -11.63 -2.66 -5.54
N TYR B 157 -12.95 -2.50 -5.39
CA TYR B 157 -13.75 -1.95 -6.48
C TYR B 157 -14.22 -0.52 -6.21
N ILE B 158 -13.70 0.08 -5.13
CA ILE B 158 -14.03 1.46 -4.74
C ILE B 158 -15.54 1.64 -4.64
N ILE B 159 -16.16 0.68 -3.96
CA ILE B 159 -17.59 0.62 -3.79
C ILE B 159 -18.01 1.61 -2.71
N LYS B 160 -19.04 2.40 -3.01
CA LYS B 160 -19.46 3.49 -2.12
C LYS B 160 -20.54 3.07 -1.12
N THR B 161 -21.12 1.90 -1.32
CA THR B 161 -22.06 1.33 -0.37
C THR B 161 -21.36 1.24 0.99
N GLN B 162 -22.04 1.71 2.04
CA GLN B 162 -21.49 1.62 3.38
C GLN B 162 -21.74 0.26 4.02
N ILE B 163 -20.69 -0.26 4.66
CA ILE B 163 -20.82 -1.52 5.37
C ILE B 163 -21.38 -1.21 6.74
N LEU B 164 -22.57 -1.74 7.01
CA LEU B 164 -23.26 -1.49 8.28
C LEU B 164 -23.30 -2.82 9.06
N VAL B 165 -22.40 -2.97 10.03
CA VAL B 165 -22.34 -4.25 10.74
C VAL B 165 -23.53 -4.40 11.67
N ALA B 166 -24.32 -5.45 11.49
CA ALA B 166 -25.54 -5.62 12.26
C ALA B 166 -25.52 -6.94 13.02
N SER B 167 -26.61 -7.22 13.73
CA SER B 167 -26.65 -8.38 14.61
C SER B 167 -25.45 -8.36 15.54
N ILE B 168 -25.17 -7.19 16.12
CA ILE B 168 -24.03 -7.08 17.03
C ILE B 168 -24.42 -7.51 18.44
N ARG B 169 -23.55 -8.29 19.07
CA ARG B 169 -23.89 -8.92 20.35
C ARG B 169 -23.01 -8.43 21.50
N ASN B 170 -21.86 -7.87 21.19
CA ASN B 170 -20.88 -7.53 22.23
C ASN B 170 -19.90 -6.46 21.73
N PRO B 171 -19.12 -5.87 22.65
CA PRO B 171 -18.21 -4.76 22.30
C PRO B 171 -17.03 -5.19 21.44
N ILE B 172 -16.77 -6.50 21.33
CA ILE B 172 -15.65 -6.96 20.49
C ILE B 172 -16.09 -7.00 19.02
N HIS B 173 -17.36 -7.27 18.75
CA HIS B 173 -17.86 -7.06 17.39
C HIS B 173 -17.57 -5.63 16.99
N VAL B 174 -17.78 -4.71 17.94
CA VAL B 174 -17.59 -3.30 17.68
C VAL B 174 -16.12 -2.97 17.47
N LEU B 175 -15.25 -3.44 18.37
CA LEU B 175 -13.82 -3.20 18.23
C LEU B 175 -13.32 -3.74 16.90
N ARG B 176 -13.70 -4.97 16.60
CA ARG B 176 -13.20 -5.61 15.38
C ARG B 176 -13.72 -4.91 14.13
N SER B 177 -14.96 -4.43 14.18
CA SER B 177 -15.51 -3.64 13.08
C SER B 177 -14.66 -2.38 12.81
N ALA B 178 -14.22 -1.71 13.87
CA ALA B 178 -13.46 -0.48 13.69
C ALA B 178 -12.05 -0.76 13.17
N VAL B 179 -11.45 -1.86 13.63
CA VAL B 179 -10.11 -2.22 13.18
C VAL B 179 -10.14 -2.67 11.72
N ILE B 180 -11.22 -3.35 11.33
CA ILE B 180 -11.42 -3.73 9.92
C ILE B 180 -11.66 -2.48 9.06
N GLY B 181 -12.43 -1.54 9.58
CA GLY B 181 -12.74 -0.32 8.86
C GLY B 181 -14.17 -0.30 8.31
N ALA B 182 -15.08 -1.02 8.96
CA ALA B 182 -16.50 -0.90 8.58
C ALA B 182 -17.02 0.52 8.76
N ASP B 183 -17.90 0.93 7.86
CA ASP B 183 -18.42 2.29 7.86
C ASP B 183 -19.32 2.61 9.05
N VAL B 184 -20.11 1.62 9.46
CA VAL B 184 -21.13 1.82 10.47
C VAL B 184 -21.24 0.54 11.28
N VAL B 185 -21.49 0.67 12.58
CA VAL B 185 -21.99 -0.45 13.36
C VAL B 185 -23.36 -0.08 13.92
N THR B 186 -24.25 -1.04 14.00
CA THR B 186 -25.51 -0.81 14.71
C THR B 186 -25.58 -1.74 15.90
N VAL B 187 -25.83 -1.19 17.09
CA VAL B 187 -25.68 -1.96 18.31
C VAL B 187 -26.93 -1.92 19.19
N PRO B 188 -27.22 -3.02 19.90
CA PRO B 188 -28.32 -3.01 20.88
C PRO B 188 -27.96 -2.07 22.04
N PHE B 189 -28.98 -1.63 22.76
CA PHE B 189 -28.78 -0.67 23.84
C PHE B 189 -27.79 -1.15 24.91
N ASN B 190 -27.86 -2.44 25.26
CA ASN B 190 -26.98 -3.00 26.28
C ASN B 190 -25.51 -2.91 25.86
N VAL B 191 -25.25 -3.10 24.58
CA VAL B 191 -23.90 -2.93 24.05
C VAL B 191 -23.49 -1.46 24.03
N LEU B 192 -24.38 -0.62 23.51
CA LEU B 192 -24.09 0.80 23.43
C LEU B 192 -23.65 1.32 24.78
N LYS B 193 -24.40 0.92 25.80
CA LYS B 193 -24.19 1.40 27.16
C LYS B 193 -22.79 1.10 27.66
N SER B 194 -22.21 0.02 27.18
CA SER B 194 -20.92 -0.43 27.70
C SER B 194 -19.71 0.24 27.02
N LEU B 195 -19.92 0.79 25.83
CA LEU B 195 -18.81 1.22 24.99
C LEU B 195 -17.93 2.32 25.62
N MET B 196 -18.54 3.22 26.40
CA MET B 196 -17.79 4.31 27.00
C MET B 196 -17.04 3.89 28.27
N LYS B 197 -17.38 2.71 28.79
CA LYS B 197 -16.94 2.30 30.13
C LYS B 197 -15.68 1.44 30.14
N HIS B 198 -14.87 1.62 31.18
CA HIS B 198 -13.76 0.73 31.48
C HIS B 198 -13.44 0.87 32.97
N PRO B 199 -13.15 -0.25 33.64
CA PRO B 199 -12.91 -0.18 35.09
C PRO B 199 -11.71 0.69 35.47
N LYS B 200 -10.73 0.83 34.57
CA LYS B 200 -9.56 1.68 34.86
C LYS B 200 -9.87 3.16 34.71
N THR B 201 -10.87 3.47 33.89
CA THR B 201 -11.38 4.85 33.82
C THR B 201 -12.00 5.22 35.15
N ASP B 202 -12.90 4.35 35.63
CA ASP B 202 -13.55 4.54 36.92
C ASP B 202 -12.51 4.72 38.03
N GLU B 203 -11.55 3.80 38.08
CA GLU B 203 -10.51 3.86 39.11
C GLU B 203 -9.69 5.15 38.97
N GLY B 204 -9.30 5.48 37.74
CA GLY B 204 -8.55 6.69 37.48
C GLY B 204 -9.28 7.96 37.90
N LEU B 205 -10.60 7.96 37.69
CA LEU B 205 -11.43 9.08 38.08
C LEU B 205 -11.42 9.26 39.59
N ALA B 206 -11.57 8.14 40.30
CA ALA B 206 -11.59 8.16 41.76
C ALA B 206 -10.26 8.68 42.30
N LYS B 207 -9.17 8.18 41.73
CA LYS B 207 -7.83 8.59 42.14
C LYS B 207 -7.61 10.07 41.88
N PHE B 208 -8.08 10.55 40.73
CA PHE B 208 -7.95 11.97 40.38
C PHE B 208 -8.62 12.88 41.41
N LEU B 209 -9.85 12.54 41.79
CA LEU B 209 -10.58 13.38 42.72
C LEU B 209 -9.95 13.34 44.10
N GLU B 210 -9.29 12.22 44.41
CA GLU B 210 -8.56 12.11 45.67
C GLU B 210 -7.27 12.93 45.68
N ASP B 211 -6.50 12.83 44.59
CA ASP B 211 -5.30 13.65 44.43
C ASP B 211 -5.66 15.13 44.52
N TRP B 212 -6.77 15.50 43.89
CA TRP B 212 -7.20 16.90 43.83
C TRP B 212 -7.59 17.45 45.20
N LYS B 213 -8.22 16.60 46.02
CA LYS B 213 -8.60 17.01 47.37
C LYS B 213 -7.38 17.33 48.23
N LYS B 214 -6.24 16.73 47.90
CA LYS B 214 -4.98 17.08 48.54
C LYS B 214 -4.59 18.50 48.14
N VAL B 215 -4.42 18.69 46.83
CA VAL B 215 -4.08 19.98 46.26
C VAL B 215 -5.00 21.10 46.76
N SER B 216 -6.28 20.80 46.92
CA SER B 216 -7.28 21.83 47.23
C SER B 216 -8.53 21.29 47.91
N PRO B 217 -8.55 21.31 49.25
CA PRO B 217 -9.74 20.90 50.00
C PRO B 217 -10.95 21.72 49.58
N MET C 1 -16.93 -5.48 -9.16
CA MET C 1 -16.77 -6.65 -10.00
C MET C 1 -18.01 -6.77 -10.88
N LYS C 2 -17.83 -6.85 -12.20
CA LYS C 2 -18.93 -7.19 -13.10
C LYS C 2 -19.26 -8.66 -13.04
N ILE C 3 -20.54 -8.97 -13.26
CA ILE C 3 -20.97 -10.35 -13.32
C ILE C 3 -21.59 -10.57 -14.67
N PHE C 4 -21.00 -11.47 -15.46
CA PHE C 4 -21.57 -11.87 -16.74
C PHE C 4 -22.20 -13.25 -16.58
N LEU C 5 -23.14 -13.55 -17.46
CA LEU C 5 -23.76 -14.86 -17.45
C LEU C 5 -23.08 -15.69 -18.56
N ASP C 6 -22.68 -16.90 -18.21
CA ASP C 6 -21.91 -17.77 -19.11
C ASP C 6 -22.85 -18.80 -19.71
N THR C 7 -23.54 -18.42 -20.78
CA THR C 7 -24.56 -19.28 -21.37
C THR C 7 -25.02 -18.73 -22.71
N ALA C 8 -25.58 -19.58 -23.55
CA ALA C 8 -26.21 -19.12 -24.79
C ALA C 8 -27.71 -19.38 -24.70
N ASN C 9 -28.16 -19.80 -23.52
CA ASN C 9 -29.57 -20.07 -23.31
C ASN C 9 -30.39 -18.78 -23.14
N ILE C 10 -31.26 -18.50 -24.12
CA ILE C 10 -31.98 -17.24 -24.16
C ILE C 10 -32.86 -17.00 -22.94
N ASP C 11 -33.56 -18.04 -22.50
CA ASP C 11 -34.46 -17.92 -21.36
C ASP C 11 -33.66 -17.54 -20.11
N GLU C 12 -32.52 -18.19 -19.93
CA GLU C 12 -31.65 -17.90 -18.80
C GLU C 12 -31.18 -16.45 -18.85
N ILE C 13 -30.84 -16.00 -20.05
CA ILE C 13 -30.34 -14.65 -20.24
C ILE C 13 -31.43 -13.60 -19.94
N ARG C 14 -32.64 -13.77 -20.48
CA ARG C 14 -33.69 -12.80 -20.16
C ARG C 14 -33.98 -12.78 -18.67
N THR C 15 -34.06 -13.95 -18.04
CA THR C 15 -34.32 -14.02 -16.61
C THR C 15 -33.25 -13.30 -15.78
N GLY C 16 -31.98 -13.59 -16.04
CA GLY C 16 -30.90 -12.98 -15.29
C GLY C 16 -30.87 -11.47 -15.50
N VAL C 17 -31.14 -11.05 -16.74
CA VAL C 17 -31.07 -9.65 -17.06
C VAL C 17 -32.12 -8.89 -16.26
N ASN C 18 -33.28 -9.50 -16.11
CA ASN C 18 -34.37 -8.89 -15.35
C ASN C 18 -34.10 -8.73 -13.86
N TRP C 19 -33.25 -9.59 -13.32
CA TRP C 19 -32.88 -9.49 -11.92
C TRP C 19 -31.99 -8.26 -11.76
N GLY C 20 -31.59 -7.71 -12.90
CA GLY C 20 -30.73 -6.55 -12.91
C GLY C 20 -29.34 -6.84 -12.37
N ILE C 21 -28.99 -8.12 -12.27
CA ILE C 21 -27.71 -8.48 -11.66
C ILE C 21 -26.69 -8.95 -12.72
N VAL C 22 -27.13 -8.99 -13.97
CA VAL C 22 -26.28 -9.46 -15.06
C VAL C 22 -25.75 -8.30 -15.88
N ASP C 23 -24.43 -8.23 -16.01
CA ASP C 23 -23.80 -7.08 -16.67
C ASP C 23 -23.35 -7.38 -18.08
N GLY C 24 -23.50 -8.63 -18.51
CA GLY C 24 -23.11 -9.04 -19.83
C GLY C 24 -23.19 -10.55 -19.96
N VAL C 25 -22.81 -11.07 -21.14
CA VAL C 25 -22.92 -12.50 -21.40
C VAL C 25 -21.68 -12.98 -22.12
N THR C 26 -21.25 -14.19 -21.79
CA THR C 26 -20.17 -14.81 -22.54
C THR C 26 -20.69 -16.09 -23.19
N THR C 27 -20.34 -16.30 -24.45
CA THR C 27 -20.69 -17.54 -25.11
C THR C 27 -19.41 -18.18 -25.59
N ASN C 28 -19.52 -19.43 -26.03
CA ASN C 28 -18.42 -20.06 -26.76
C ASN C 28 -19.07 -21.08 -27.72
N PRO C 29 -18.28 -21.71 -28.59
CA PRO C 29 -18.95 -22.56 -29.58
C PRO C 29 -19.72 -23.74 -28.97
N THR C 30 -19.22 -24.28 -27.87
CA THR C 30 -19.94 -25.34 -27.17
C THR C 30 -21.31 -24.89 -26.65
N LEU C 31 -21.34 -23.78 -25.91
CA LEU C 31 -22.59 -23.26 -25.36
C LEU C 31 -23.61 -22.99 -26.46
N ILE C 32 -23.14 -22.44 -27.57
CA ILE C 32 -24.04 -22.16 -28.68
C ILE C 32 -24.55 -23.45 -29.32
N SER C 33 -23.70 -24.47 -29.35
CA SER C 33 -24.10 -25.78 -29.88
C SER C 33 -25.19 -26.44 -29.04
N LYS C 34 -25.19 -26.17 -27.74
CA LYS C 34 -26.24 -26.67 -26.86
C LYS C 34 -27.58 -26.03 -27.22
N GLU C 35 -27.53 -24.77 -27.67
CA GLU C 35 -28.72 -23.98 -27.96
C GLU C 35 -29.24 -24.14 -29.39
N ALA C 36 -28.32 -24.33 -30.33
CA ALA C 36 -28.70 -24.39 -31.74
C ALA C 36 -29.10 -25.79 -32.15
N VAL C 37 -30.20 -26.27 -31.57
CA VAL C 37 -30.71 -27.59 -31.89
C VAL C 37 -32.16 -27.49 -32.36
N ASN C 38 -32.65 -28.54 -32.99
CA ASN C 38 -34.05 -28.60 -33.39
C ASN C 38 -34.47 -27.37 -34.18
N GLY C 39 -33.70 -27.02 -35.21
CA GLY C 39 -34.07 -25.94 -36.09
C GLY C 39 -33.51 -24.57 -35.75
N LYS C 40 -33.18 -24.34 -34.48
CA LYS C 40 -32.60 -23.05 -34.07
C LYS C 40 -31.23 -22.88 -34.71
N LYS C 41 -31.01 -21.74 -35.36
CA LYS C 41 -29.76 -21.48 -36.04
C LYS C 41 -28.83 -20.64 -35.18
N TYR C 42 -27.54 -20.92 -35.27
CA TYR C 42 -26.56 -20.21 -34.45
C TYR C 42 -26.56 -18.70 -34.69
N GLY C 43 -26.81 -18.29 -35.92
CA GLY C 43 -26.80 -16.88 -36.26
C GLY C 43 -27.96 -16.16 -35.59
N ASP C 44 -29.10 -16.83 -35.49
CA ASP C 44 -30.27 -16.25 -34.83
C ASP C 44 -30.04 -16.14 -33.33
N ILE C 45 -29.41 -17.16 -32.76
CA ILE C 45 -29.09 -17.15 -31.33
C ILE C 45 -28.15 -16.00 -31.00
N ILE C 46 -27.08 -15.85 -31.77
CA ILE C 46 -26.11 -14.79 -31.52
C ILE C 46 -26.77 -13.40 -31.60
N ARG C 47 -27.51 -13.14 -32.68
CA ARG C 47 -28.21 -11.86 -32.83
C ARG C 47 -29.19 -11.58 -31.71
N GLU C 48 -29.86 -12.62 -31.23
CA GLU C 48 -30.88 -12.45 -30.22
C GLU C 48 -30.23 -12.05 -28.90
N ILE C 49 -29.11 -12.70 -28.58
CA ILE C 49 -28.41 -12.35 -27.35
C ILE C 49 -27.89 -10.92 -27.41
N LEU C 50 -27.28 -10.54 -28.52
CA LEU C 50 -26.81 -9.16 -28.69
C LEU C 50 -27.96 -8.16 -28.51
N LYS C 51 -29.17 -8.60 -28.85
CA LYS C 51 -30.36 -7.77 -28.75
C LYS C 51 -30.86 -7.58 -27.31
N ILE C 52 -31.05 -8.70 -26.61
CA ILE C 52 -31.55 -8.73 -25.23
C ILE C 52 -30.61 -8.07 -24.21
N VAL C 53 -29.31 -8.16 -24.48
CA VAL C 53 -28.29 -7.78 -23.49
C VAL C 53 -27.68 -6.41 -23.79
N ASP C 54 -27.70 -5.52 -22.81
CA ASP C 54 -27.14 -4.19 -23.02
C ASP C 54 -25.60 -4.20 -22.89
N GLY C 55 -25.10 -5.02 -21.98
CA GLY C 55 -23.66 -5.09 -21.72
C GLY C 55 -22.88 -5.90 -22.76
N PRO C 56 -21.58 -6.10 -22.53
CA PRO C 56 -20.73 -6.85 -23.46
C PRO C 56 -21.24 -8.26 -23.66
N VAL C 57 -21.18 -8.70 -24.91
CA VAL C 57 -21.57 -10.05 -25.28
C VAL C 57 -20.42 -10.63 -26.08
N SER C 58 -19.76 -11.64 -25.53
N SER C 58 -19.76 -11.64 -25.54
CA SER C 58 -18.60 -12.25 -26.18
CA SER C 58 -18.59 -12.22 -26.20
C SER C 58 -19.03 -13.38 -27.12
C SER C 58 -18.99 -13.39 -27.11
N VAL C 59 -18.53 -13.33 -28.35
CA VAL C 59 -18.83 -14.37 -29.35
C VAL C 59 -17.50 -14.80 -29.94
N GLU C 60 -17.28 -16.10 -29.98
CA GLU C 60 -15.96 -16.64 -30.33
C GLU C 60 -15.83 -16.95 -31.81
N VAL C 61 -14.74 -16.51 -32.42
CA VAL C 61 -14.45 -16.88 -33.79
C VAL C 61 -14.25 -18.39 -33.85
N VAL C 62 -14.35 -18.98 -35.03
CA VAL C 62 -14.15 -20.42 -35.13
C VAL C 62 -12.94 -20.75 -35.99
N SER C 63 -12.54 -19.84 -36.86
CA SER C 63 -11.35 -20.09 -37.68
C SER C 63 -10.12 -20.21 -36.76
N THR C 64 -9.16 -21.02 -37.15
CA THR C 64 -7.91 -21.14 -36.40
C THR C 64 -6.77 -20.41 -37.08
N LYS C 65 -7.08 -19.72 -38.18
CA LYS C 65 -6.07 -18.99 -38.95
C LYS C 65 -6.24 -17.48 -38.82
N TYR C 66 -5.13 -16.78 -38.77
CA TYR C 66 -5.16 -15.32 -38.62
C TYR C 66 -6.23 -14.63 -39.48
N GLU C 67 -6.16 -14.83 -40.79
CA GLU C 67 -7.07 -14.12 -41.71
C GLU C 67 -8.55 -14.42 -41.45
N GLY C 68 -8.84 -15.67 -41.16
CA GLY C 68 -10.22 -16.06 -40.87
C GLY C 68 -10.69 -15.48 -39.56
N MET C 69 -9.79 -15.39 -38.59
CA MET C 69 -10.15 -14.82 -37.30
C MET C 69 -10.51 -13.35 -37.46
N VAL C 70 -9.67 -12.63 -38.19
N VAL C 70 -9.68 -12.61 -38.19
CA VAL C 70 -9.90 -11.21 -38.37
CA VAL C 70 -9.92 -11.17 -38.34
C VAL C 70 -11.19 -10.99 -39.14
C VAL C 70 -11.15 -10.92 -39.20
N GLU C 71 -11.40 -11.77 -40.18
CA GLU C 71 -12.60 -11.65 -41.01
C GLU C 71 -13.86 -11.91 -40.18
N GLU C 72 -13.86 -13.02 -39.45
CA GLU C 72 -14.99 -13.32 -38.57
C GLU C 72 -15.14 -12.28 -37.47
N ALA C 73 -14.03 -11.81 -36.93
CA ALA C 73 -14.06 -10.78 -35.89
C ALA C 73 -14.76 -9.53 -36.40
N ARG C 74 -14.46 -9.14 -37.63
CA ARG C 74 -15.11 -7.94 -38.19
C ARG C 74 -16.61 -8.11 -38.36
N LYS C 75 -17.03 -9.32 -38.74
CA LYS C 75 -18.47 -9.63 -38.85
C LYS C 75 -19.15 -9.61 -37.49
N ILE C 76 -18.48 -10.17 -36.49
CA ILE C 76 -19.02 -10.16 -35.14
C ILE C 76 -19.17 -8.71 -34.67
N HIS C 77 -18.09 -7.94 -34.78
CA HIS C 77 -18.12 -6.53 -34.42
C HIS C 77 -19.27 -5.80 -35.11
N GLY C 78 -19.53 -6.13 -36.38
CA GLY C 78 -20.54 -5.44 -37.15
C GLY C 78 -21.97 -5.70 -36.71
N LEU C 79 -22.18 -6.69 -35.86
CA LEU C 79 -23.52 -7.05 -35.43
C LEU C 79 -24.07 -6.12 -34.35
N GLY C 80 -23.19 -5.44 -33.64
CA GLY C 80 -23.61 -4.51 -32.62
C GLY C 80 -22.46 -3.98 -31.80
N ASP C 81 -22.65 -2.79 -31.22
CA ASP C 81 -21.57 -2.15 -30.47
C ASP C 81 -21.17 -2.94 -29.23
N ASN C 82 -22.08 -3.77 -28.73
CA ASN C 82 -21.79 -4.50 -27.49
C ASN C 82 -21.12 -5.84 -27.73
N ALA C 83 -20.92 -6.19 -29.00
CA ALA C 83 -20.26 -7.45 -29.31
C ALA C 83 -18.76 -7.37 -28.95
N VAL C 84 -18.26 -8.43 -28.33
CA VAL C 84 -16.85 -8.56 -28.01
C VAL C 84 -16.36 -9.83 -28.68
N VAL C 85 -15.25 -9.73 -29.41
CA VAL C 85 -14.77 -10.86 -30.19
C VAL C 85 -13.86 -11.74 -29.36
N LYS C 86 -14.24 -13.00 -29.21
CA LYS C 86 -13.47 -13.95 -28.41
C LYS C 86 -12.50 -14.69 -29.31
N ILE C 87 -11.25 -14.74 -28.90
CA ILE C 87 -10.14 -15.26 -29.68
C ILE C 87 -9.35 -16.21 -28.78
N PRO C 88 -9.01 -17.41 -29.28
CA PRO C 88 -8.23 -18.33 -28.46
C PRO C 88 -6.77 -17.91 -28.29
N MET C 89 -6.18 -18.32 -27.17
CA MET C 89 -4.76 -18.09 -26.91
C MET C 89 -3.93 -18.96 -27.85
N THR C 90 -3.74 -18.50 -29.08
CA THR C 90 -2.86 -19.21 -30.02
C THR C 90 -1.96 -18.19 -30.72
N GLU C 91 -0.97 -18.68 -31.46
CA GLU C 91 -0.11 -17.80 -32.26
C GLU C 91 -0.93 -16.90 -33.16
N ASP C 92 -1.82 -17.50 -33.96
CA ASP C 92 -2.72 -16.74 -34.83
C ASP C 92 -3.66 -15.84 -34.03
N GLY C 93 -4.10 -16.32 -32.86
CA GLY C 93 -4.97 -15.53 -32.01
C GLY C 93 -4.31 -14.23 -31.54
N LEU C 94 -3.05 -14.31 -31.13
CA LEU C 94 -2.32 -13.11 -30.74
C LEU C 94 -2.15 -12.15 -31.92
N ARG C 95 -1.81 -12.68 -33.08
CA ARG C 95 -1.76 -11.85 -34.28
C ARG C 95 -3.08 -11.13 -34.52
N ALA C 96 -4.17 -11.88 -34.41
CA ALA C 96 -5.50 -11.32 -34.62
C ALA C 96 -5.81 -10.23 -33.59
N ILE C 97 -5.48 -10.50 -32.32
CA ILE C 97 -5.73 -9.51 -31.28
C ILE C 97 -4.97 -8.21 -31.53
N LYS C 98 -3.71 -8.31 -31.94
CA LYS C 98 -2.93 -7.11 -32.24
C LYS C 98 -3.62 -6.29 -33.34
N THR C 99 -4.01 -6.97 -34.42
CA THR C 99 -4.68 -6.28 -35.52
C THR C 99 -6.03 -5.67 -35.11
N LEU C 100 -6.85 -6.46 -34.42
CA LEU C 100 -8.19 -5.99 -34.04
C LEU C 100 -8.13 -4.89 -32.99
N SER C 101 -7.15 -4.97 -32.10
CA SER C 101 -6.96 -3.91 -31.12
C SER C 101 -6.62 -2.59 -31.83
N SER C 102 -5.81 -2.66 -32.87
CA SER C 102 -5.47 -1.47 -33.64
C SER C 102 -6.67 -0.92 -34.41
N GLU C 103 -7.70 -1.75 -34.59
CA GLU C 103 -8.92 -1.32 -35.27
C GLU C 103 -10.02 -0.91 -34.31
N HIS C 104 -9.69 -0.92 -33.01
CA HIS C 104 -10.62 -0.51 -31.96
C HIS C 104 -11.83 -1.44 -31.88
N ILE C 105 -11.57 -2.73 -32.13
CA ILE C 105 -12.56 -3.78 -31.95
C ILE C 105 -12.26 -4.48 -30.61
N ASN C 106 -13.22 -4.47 -29.69
CA ASN C 106 -13.03 -5.11 -28.38
C ASN C 106 -12.88 -6.62 -28.52
N THR C 107 -11.94 -7.18 -27.75
CA THR C 107 -11.55 -8.59 -27.85
C THR C 107 -11.50 -9.26 -26.49
N ASN C 108 -11.61 -10.58 -26.49
CA ASN C 108 -11.59 -11.37 -25.25
C ASN C 108 -10.78 -12.62 -25.53
N CYS C 109 -9.61 -12.77 -24.90
CA CYS C 109 -8.75 -13.90 -25.22
C CYS C 109 -9.07 -15.06 -24.30
N THR C 110 -9.45 -16.19 -24.88
CA THR C 110 -9.97 -17.29 -24.09
C THR C 110 -9.05 -18.52 -24.08
N LEU C 111 -9.44 -19.53 -23.32
CA LEU C 111 -8.62 -20.73 -23.14
C LEU C 111 -7.24 -20.36 -22.56
N VAL C 112 -7.28 -19.53 -21.52
CA VAL C 112 -6.07 -19.14 -20.81
C VAL C 112 -5.97 -19.99 -19.56
N PHE C 113 -4.78 -20.57 -19.35
CA PHE C 113 -4.59 -21.50 -18.22
C PHE C 113 -3.41 -21.20 -17.31
N ASN C 114 -2.64 -20.17 -17.65
CA ASN C 114 -1.56 -19.71 -16.75
C ASN C 114 -1.38 -18.20 -16.82
N PRO C 115 -0.62 -17.62 -15.88
CA PRO C 115 -0.60 -16.15 -15.89
C PRO C 115 0.19 -15.58 -17.05
N ILE C 116 1.20 -16.28 -17.55
CA ILE C 116 1.96 -15.72 -18.65
C ILE C 116 1.16 -15.66 -19.97
N GLN C 117 0.33 -16.68 -20.23
CA GLN C 117 -0.60 -16.56 -21.36
C GLN C 117 -1.46 -15.32 -21.23
N ALA C 118 -1.97 -15.06 -20.03
CA ALA C 118 -2.77 -13.86 -19.79
C ALA C 118 -1.99 -12.60 -20.09
N LEU C 119 -0.73 -12.55 -19.66
CA LEU C 119 0.11 -11.38 -19.91
C LEU C 119 0.32 -11.17 -21.40
N LEU C 120 0.62 -12.25 -22.14
CA LEU C 120 0.82 -12.12 -23.58
C LEU C 120 -0.40 -11.55 -24.29
N ALA C 121 -1.57 -12.04 -23.90
CA ALA C 121 -2.82 -11.51 -24.47
C ALA C 121 -2.96 -10.02 -24.19
N ALA C 122 -2.65 -9.60 -22.96
CA ALA C 122 -2.72 -8.19 -22.62
C ALA C 122 -1.73 -7.37 -23.43
N LYS C 123 -0.53 -7.91 -23.63
CA LYS C 123 0.50 -7.21 -24.41
C LYS C 123 0.04 -7.03 -25.86
N ALA C 124 -0.70 -8.00 -26.37
CA ALA C 124 -1.21 -7.91 -27.74
C ALA C 124 -2.35 -6.88 -27.85
N GLY C 125 -2.87 -6.44 -26.70
CA GLY C 125 -3.86 -5.38 -26.65
C GLY C 125 -5.29 -5.83 -26.35
N VAL C 126 -5.45 -7.05 -25.84
CA VAL C 126 -6.78 -7.62 -25.64
C VAL C 126 -7.62 -6.83 -24.60
N THR C 127 -8.93 -6.78 -24.79
CA THR C 127 -9.78 -6.03 -23.87
C THR C 127 -10.02 -6.79 -22.55
N TYR C 128 -10.22 -8.11 -22.68
CA TYR C 128 -10.46 -9.02 -21.56
C TYR C 128 -9.61 -10.26 -21.78
N VAL C 129 -9.18 -10.89 -20.69
N VAL C 129 -9.17 -10.88 -20.68
CA VAL C 129 -8.56 -12.20 -20.76
CA VAL C 129 -8.64 -12.23 -20.70
C VAL C 129 -9.36 -13.16 -19.88
C VAL C 129 -9.56 -13.12 -19.88
N SER C 130 -9.61 -14.37 -20.38
N SER C 130 -9.73 -14.38 -20.28
CA SER C 130 -10.48 -15.31 -19.69
CA SER C 130 -10.62 -15.27 -19.56
C SER C 130 -9.78 -16.58 -19.25
C SER C 130 -9.97 -16.60 -19.15
N PRO C 131 -9.23 -16.58 -18.03
CA PRO C 131 -8.59 -17.80 -17.50
C PRO C 131 -9.68 -18.76 -16.99
N PHE C 132 -9.47 -20.06 -17.18
CA PHE C 132 -10.47 -21.09 -16.90
C PHE C 132 -10.20 -21.79 -15.58
N VAL C 133 -10.76 -21.29 -14.49
CA VAL C 133 -10.41 -21.82 -13.18
C VAL C 133 -10.88 -23.26 -12.93
N GLY C 134 -12.11 -23.58 -13.34
CA GLY C 134 -12.68 -24.89 -13.10
C GLY C 134 -11.92 -26.01 -13.82
N ARG C 135 -11.44 -25.72 -15.02
CA ARG C 135 -10.68 -26.71 -15.77
C ARG C 135 -9.30 -26.96 -15.17
N LEU C 136 -8.78 -25.95 -14.49
CA LEU C 136 -7.54 -26.18 -13.72
C LEU C 136 -7.85 -27.04 -12.50
N ASP C 137 -8.93 -26.70 -11.79
CA ASP C 137 -9.40 -27.52 -10.66
C ASP C 137 -9.49 -28.99 -11.11
N ASP C 138 -10.05 -29.20 -12.31
CA ASP C 138 -10.26 -30.52 -12.88
C ASP C 138 -8.96 -31.33 -12.92
N ILE C 139 -7.85 -30.65 -13.20
CA ILE C 139 -6.58 -31.35 -13.32
C ILE C 139 -5.71 -31.23 -12.06
N GLY C 140 -6.32 -30.84 -10.95
CA GLY C 140 -5.68 -30.99 -9.65
C GLY C 140 -4.80 -29.80 -9.26
N GLU C 141 -5.05 -28.68 -9.90
CA GLU C 141 -4.38 -27.43 -9.58
C GLU C 141 -5.43 -26.41 -9.14
N ASP C 142 -5.19 -25.68 -8.06
CA ASP C 142 -6.19 -24.71 -7.58
C ASP C 142 -6.24 -23.54 -8.55
N GLY C 143 -7.25 -23.54 -9.42
CA GLY C 143 -7.37 -22.53 -10.45
C GLY C 143 -7.34 -21.07 -9.98
N MET C 144 -7.88 -20.79 -8.79
CA MET C 144 -7.90 -19.44 -8.29
C MET C 144 -6.48 -18.85 -8.07
N GLN C 145 -5.48 -19.68 -7.83
CA GLN C 145 -4.12 -19.18 -7.68
C GLN C 145 -3.64 -18.47 -8.94
N ILE C 146 -4.10 -18.95 -10.10
CA ILE C 146 -3.73 -18.32 -11.36
C ILE C 146 -4.37 -16.92 -11.47
N ILE C 147 -5.60 -16.77 -10.99
CA ILE C 147 -6.25 -15.47 -10.99
C ILE C 147 -5.49 -14.50 -10.06
N ASP C 148 -5.05 -15.01 -8.93
CA ASP C 148 -4.31 -14.17 -7.98
C ASP C 148 -3.03 -13.65 -8.65
N MET C 149 -2.31 -14.54 -9.33
CA MET C 149 -1.08 -14.11 -9.97
C MET C 149 -1.33 -13.12 -11.11
N ILE C 150 -2.36 -13.35 -11.90
CA ILE C 150 -2.70 -12.42 -12.99
C ILE C 150 -3.01 -11.02 -12.43
N ARG C 151 -3.80 -10.99 -11.36
CA ARG C 151 -4.14 -9.72 -10.70
C ARG C 151 -2.87 -8.99 -10.26
N THR C 152 -1.94 -9.73 -9.67
CA THR C 152 -0.69 -9.13 -9.21
C THR C 152 0.11 -8.60 -10.41
N ILE C 153 0.25 -9.44 -11.43
CA ILE C 153 0.97 -9.02 -12.65
C ILE C 153 0.36 -7.79 -13.29
N PHE C 154 -0.96 -7.82 -13.48
CA PHE C 154 -1.65 -6.68 -14.09
C PHE C 154 -1.50 -5.41 -13.26
N ASN C 155 -1.59 -5.55 -11.93
CA ASN C 155 -1.36 -4.39 -11.06
C ASN C 155 0.06 -3.83 -11.22
N ASN C 156 1.05 -4.72 -11.30
CA ASN C 156 2.46 -4.30 -11.39
C ASN C 156 2.70 -3.35 -12.55
N TYR C 157 2.03 -3.64 -13.67
CA TYR C 157 2.30 -2.93 -14.91
C TYR C 157 1.14 -2.02 -15.30
N ILE C 158 0.22 -1.80 -14.37
CA ILE C 158 -0.97 -0.98 -14.65
C ILE C 158 -1.64 -1.40 -15.97
N ILE C 159 -1.83 -2.69 -16.14
CA ILE C 159 -2.41 -3.23 -17.36
C ILE C 159 -3.94 -2.99 -17.34
N LYS C 160 -4.47 -2.53 -18.46
CA LYS C 160 -5.88 -2.14 -18.52
C LYS C 160 -6.79 -3.28 -18.98
N THR C 161 -6.19 -4.35 -19.46
CA THR C 161 -6.94 -5.54 -19.82
C THR C 161 -7.72 -6.01 -18.59
N GLN C 162 -9.00 -6.32 -18.77
CA GLN C 162 -9.82 -6.80 -17.66
C GLN C 162 -9.66 -8.31 -17.47
N ILE C 163 -9.51 -8.73 -16.22
CA ILE C 163 -9.47 -10.14 -15.87
C ILE C 163 -10.90 -10.64 -15.75
N LEU C 164 -11.24 -11.61 -16.60
CA LEU C 164 -12.60 -12.13 -16.67
C LEU C 164 -12.53 -13.59 -16.27
N VAL C 165 -12.86 -13.89 -15.01
CA VAL C 165 -12.71 -15.25 -14.52
C VAL C 165 -13.76 -16.14 -15.16
N ALA C 166 -13.32 -17.22 -15.81
CA ALA C 166 -14.23 -18.11 -16.53
C ALA C 166 -14.12 -19.55 -16.01
N SER C 167 -14.90 -20.44 -16.61
CA SER C 167 -15.00 -21.82 -16.14
C SER C 167 -15.27 -21.83 -14.64
N ILE C 168 -16.24 -21.02 -14.22
CA ILE C 168 -16.62 -20.97 -12.82
C ILE C 168 -17.62 -22.06 -12.50
N ARG C 169 -17.37 -22.76 -11.39
CA ARG C 169 -18.15 -23.97 -11.06
C ARG C 169 -18.98 -23.81 -9.80
N ASN C 170 -18.61 -22.85 -8.94
CA ASN C 170 -19.24 -22.76 -7.63
C ASN C 170 -19.10 -21.35 -7.05
N PRO C 171 -19.84 -21.04 -5.97
CA PRO C 171 -19.86 -19.68 -5.44
C PRO C 171 -18.56 -19.27 -4.76
N ILE C 172 -17.68 -20.24 -4.50
CA ILE C 172 -16.40 -19.90 -3.87
C ILE C 172 -15.40 -19.41 -4.92
N HIS C 173 -15.50 -19.89 -6.15
CA HIS C 173 -14.76 -19.24 -7.23
C HIS C 173 -15.12 -17.75 -7.29
N VAL C 174 -16.40 -17.45 -7.13
CA VAL C 174 -16.89 -16.06 -7.23
C VAL C 174 -16.37 -15.27 -6.04
N LEU C 175 -16.48 -15.84 -4.85
CA LEU C 175 -16.03 -15.15 -3.64
C LEU C 175 -14.54 -14.84 -3.74
N ARG C 176 -13.76 -15.84 -4.12
CA ARG C 176 -12.31 -15.65 -4.15
C ARG C 176 -11.91 -14.66 -5.23
N SER C 177 -12.61 -14.70 -6.35
CA SER C 177 -12.40 -13.71 -7.41
C SER C 177 -12.61 -12.29 -6.91
N ALA C 178 -13.69 -12.08 -6.15
CA ALA C 178 -13.98 -10.74 -5.62
C ALA C 178 -12.93 -10.29 -4.63
N VAL C 179 -12.48 -11.20 -3.76
CA VAL C 179 -11.48 -10.84 -2.75
C VAL C 179 -10.13 -10.54 -3.39
N ILE C 180 -9.78 -11.30 -4.43
CA ILE C 180 -8.58 -11.04 -5.23
C ILE C 180 -8.70 -9.69 -5.95
N GLY C 181 -9.90 -9.40 -6.46
CA GLY C 181 -10.12 -8.17 -7.21
C GLY C 181 -10.16 -8.35 -8.72
N ALA C 182 -10.57 -9.53 -9.18
CA ALA C 182 -10.78 -9.71 -10.62
C ALA C 182 -11.84 -8.73 -11.12
N ASP C 183 -11.68 -8.28 -12.35
CA ASP C 183 -12.59 -7.27 -12.91
C ASP C 183 -13.99 -7.80 -13.15
N VAL C 184 -14.05 -9.05 -13.62
CA VAL C 184 -15.29 -9.69 -14.03
C VAL C 184 -15.26 -11.16 -13.67
N VAL C 185 -16.42 -11.70 -13.32
CA VAL C 185 -16.62 -13.15 -13.32
C VAL C 185 -17.75 -13.45 -14.28
N THR C 186 -17.63 -14.55 -14.99
CA THR C 186 -18.74 -15.04 -15.78
C THR C 186 -19.18 -16.40 -15.23
N VAL C 187 -20.47 -16.52 -14.96
CA VAL C 187 -20.97 -17.67 -14.23
C VAL C 187 -22.13 -18.34 -14.96
N PRO C 188 -22.25 -19.67 -14.80
CA PRO C 188 -23.42 -20.39 -15.30
C PRO C 188 -24.65 -19.95 -14.53
N PHE C 189 -25.82 -20.13 -15.13
CA PHE C 189 -27.07 -19.67 -14.53
C PHE C 189 -27.32 -20.29 -13.15
N ASN C 190 -27.07 -21.58 -12.99
N ASN C 190 -27.03 -21.58 -12.99
CA ASN C 190 -27.29 -22.18 -11.69
CA ASN C 190 -27.24 -22.25 -11.70
C ASN C 190 -26.41 -21.53 -10.61
C ASN C 190 -26.35 -21.70 -10.58
N VAL C 191 -25.16 -21.25 -10.95
CA VAL C 191 -24.29 -20.57 -9.99
C VAL C 191 -24.81 -19.16 -9.71
N LEU C 192 -25.21 -18.43 -10.75
CA LEU C 192 -25.77 -17.08 -10.55
C LEU C 192 -26.90 -17.10 -9.53
N LYS C 193 -27.85 -17.99 -9.74
CA LYS C 193 -29.00 -18.10 -8.84
C LYS C 193 -28.54 -18.29 -7.41
N SER C 194 -27.59 -19.20 -7.21
CA SER C 194 -27.17 -19.55 -5.86
C SER C 194 -26.53 -18.38 -5.13
N LEU C 195 -25.97 -17.43 -5.88
CA LEU C 195 -25.26 -16.30 -5.24
C LEU C 195 -26.14 -15.45 -4.35
N MET C 196 -27.43 -15.38 -4.66
CA MET C 196 -28.34 -14.52 -3.91
C MET C 196 -28.83 -15.19 -2.62
N LYS C 197 -28.62 -16.49 -2.50
CA LYS C 197 -29.31 -17.30 -1.49
C LYS C 197 -28.45 -17.62 -0.26
N HIS C 198 -29.11 -17.69 0.89
CA HIS C 198 -28.49 -18.20 2.11
C HIS C 198 -29.57 -18.69 3.05
N PRO C 199 -29.35 -19.84 3.73
CA PRO C 199 -30.43 -20.33 4.60
C PRO C 199 -30.83 -19.35 5.70
N LYS C 200 -29.89 -18.56 6.19
CA LYS C 200 -30.22 -17.62 7.27
C LYS C 200 -31.01 -16.43 6.76
N THR C 201 -30.84 -16.12 5.48
CA THR C 201 -31.72 -15.15 4.84
C THR C 201 -33.18 -15.63 4.84
N ASP C 202 -33.39 -16.86 4.38
CA ASP C 202 -34.72 -17.47 4.35
C ASP C 202 -35.32 -17.50 5.75
N GLU C 203 -34.55 -17.99 6.71
CA GLU C 203 -35.04 -18.12 8.07
C GLU C 203 -35.33 -16.78 8.72
N GLY C 204 -34.47 -15.80 8.47
CA GLY C 204 -34.64 -14.48 9.03
C GLY C 204 -35.87 -13.79 8.48
N LEU C 205 -36.11 -13.94 7.19
CA LEU C 205 -37.29 -13.31 6.59
C LEU C 205 -38.58 -13.96 7.11
N ALA C 206 -38.59 -15.29 7.21
CA ALA C 206 -39.75 -16.00 7.77
C ALA C 206 -40.10 -15.51 9.17
N LYS C 207 -39.08 -15.32 10.00
CA LYS C 207 -39.29 -14.90 11.38
C LYS C 207 -39.81 -13.47 11.44
N PHE C 208 -39.20 -12.58 10.67
CA PHE C 208 -39.71 -11.21 10.56
C PHE C 208 -41.20 -11.21 10.23
N LEU C 209 -41.59 -12.02 9.25
CA LEU C 209 -42.98 -12.05 8.79
C LEU C 209 -43.93 -12.62 9.85
N GLU C 210 -43.46 -13.64 10.55
CA GLU C 210 -44.23 -14.24 11.64
C GLU C 210 -44.45 -13.19 12.74
N ASP C 211 -43.39 -12.50 13.13
CA ASP C 211 -43.48 -11.49 14.18
C ASP C 211 -44.34 -10.32 13.75
N TRP C 212 -44.26 -9.94 12.48
CA TRP C 212 -45.08 -8.84 11.98
C TRP C 212 -46.59 -9.15 12.07
N LYS C 213 -46.94 -10.42 11.91
CA LYS C 213 -48.36 -10.81 11.93
C LYS C 213 -49.02 -10.52 13.28
N LYS C 214 -48.23 -10.52 14.34
CA LYS C 214 -48.73 -10.18 15.67
C LYS C 214 -49.27 -8.76 15.68
N VAL C 215 -48.68 -7.92 14.84
CA VAL C 215 -48.97 -6.49 14.82
C VAL C 215 -49.85 -6.10 13.63
N SER C 216 -49.85 -6.94 12.60
CA SER C 216 -50.64 -6.70 11.40
C SER C 216 -51.04 -8.02 10.76
N PRO C 217 -52.22 -8.55 11.14
CA PRO C 217 -52.72 -9.85 10.71
C PRO C 217 -52.74 -10.04 9.18
N ASP C 218 -52.79 -8.93 8.45
CA ASP C 218 -52.86 -8.98 6.99
C ASP C 218 -51.48 -9.01 6.35
N GLY C 219 -50.46 -8.76 7.16
CA GLY C 219 -49.08 -8.76 6.69
C GLY C 219 -48.71 -7.52 5.89
N LYS C 220 -49.55 -6.50 5.93
CA LYS C 220 -49.24 -5.27 5.20
C LYS C 220 -48.53 -4.26 6.09
N LEU C 221 -47.81 -3.34 5.45
CA LEU C 221 -47.21 -2.21 6.14
C LEU C 221 -47.94 -0.96 5.69
N ILE C 222 -48.86 -0.48 6.53
CA ILE C 222 -49.70 0.64 6.17
C ILE C 222 -49.19 1.93 6.78
N LEU C 223 -48.63 2.79 5.94
CA LEU C 223 -48.10 4.07 6.39
C LEU C 223 -48.82 5.21 5.70
N MET D 1 5.11 -5.74 -18.54
CA MET D 1 6.46 -6.28 -18.69
C MET D 1 6.81 -6.36 -20.16
N LYS D 2 7.92 -5.74 -20.55
CA LYS D 2 8.37 -5.81 -21.92
C LYS D 2 9.05 -7.14 -22.18
N ILE D 3 8.98 -7.61 -23.42
CA ILE D 3 9.69 -8.82 -23.77
C ILE D 3 10.64 -8.52 -24.90
N PHE D 4 11.92 -8.78 -24.67
CA PHE D 4 12.89 -8.69 -25.76
C PHE D 4 13.22 -10.07 -26.28
N LEU D 5 13.45 -10.16 -27.58
CA LEU D 5 13.89 -11.39 -28.19
C LEU D 5 15.41 -11.40 -28.22
N ASP D 6 15.98 -12.45 -27.65
CA ASP D 6 17.41 -12.63 -27.62
C ASP D 6 17.83 -13.42 -28.86
N THR D 7 17.97 -12.72 -29.99
CA THR D 7 18.31 -13.37 -31.26
C THR D 7 18.76 -12.33 -32.29
N ALA D 8 19.40 -12.78 -33.35
CA ALA D 8 19.69 -11.90 -34.48
C ALA D 8 18.97 -12.39 -35.73
N ASN D 9 18.10 -13.39 -35.57
CA ASN D 9 17.34 -13.93 -36.68
C ASN D 9 16.16 -13.04 -37.05
N ILE D 10 16.20 -12.46 -38.25
CA ILE D 10 15.20 -11.48 -38.67
C ILE D 10 13.79 -12.07 -38.80
N ASP D 11 13.70 -13.31 -39.29
CA ASP D 11 12.40 -13.98 -39.39
C ASP D 11 11.77 -14.18 -38.00
N GLU D 12 12.57 -14.61 -37.03
CA GLU D 12 12.08 -14.73 -35.65
C GLU D 12 11.58 -13.38 -35.13
N ILE D 13 12.36 -12.33 -35.39
CA ILE D 13 11.99 -10.99 -34.93
C ILE D 13 10.65 -10.55 -35.54
N ARG D 14 10.55 -10.62 -36.85
CA ARG D 14 9.30 -10.26 -37.52
C ARG D 14 8.12 -11.06 -36.95
N THR D 15 8.29 -12.36 -36.82
CA THR D 15 7.22 -13.21 -36.30
C THR D 15 6.77 -12.82 -34.91
N GLY D 16 7.73 -12.57 -34.02
CA GLY D 16 7.42 -12.20 -32.65
C GLY D 16 6.74 -10.85 -32.56
N VAL D 17 7.17 -9.93 -33.42
CA VAL D 17 6.58 -8.60 -33.45
C VAL D 17 5.13 -8.69 -33.93
N ASN D 18 4.88 -9.57 -34.88
N ASN D 18 4.87 -9.57 -34.88
CA ASN D 18 3.54 -9.75 -35.41
CA ASN D 18 3.50 -9.72 -35.40
C ASN D 18 2.58 -10.31 -34.37
C ASN D 18 2.55 -10.42 -34.43
N TRP D 19 3.12 -11.07 -33.42
CA TRP D 19 2.33 -11.61 -32.31
C TRP D 19 1.97 -10.48 -31.35
N GLY D 20 2.69 -9.36 -31.44
CA GLY D 20 2.38 -8.20 -30.62
C GLY D 20 2.96 -8.26 -29.22
N ILE D 21 3.91 -9.17 -29.03
CA ILE D 21 4.47 -9.44 -27.70
C ILE D 21 5.99 -9.24 -27.63
N VAL D 22 6.57 -8.68 -28.69
CA VAL D 22 8.02 -8.41 -28.71
C VAL D 22 8.29 -6.90 -28.78
N ASP D 23 9.08 -6.40 -27.84
CA ASP D 23 9.23 -4.98 -27.64
C ASP D 23 10.61 -4.46 -28.01
N GLY D 24 11.50 -5.37 -28.37
CA GLY D 24 12.88 -5.03 -28.63
C GLY D 24 13.68 -6.30 -28.79
N VAL D 25 15.00 -6.16 -28.93
CA VAL D 25 15.87 -7.29 -29.23
C VAL D 25 17.20 -7.17 -28.46
N THR D 26 17.73 -8.29 -27.97
CA THR D 26 19.07 -8.29 -27.41
C THR D 26 19.98 -9.16 -28.28
N THR D 27 21.15 -8.64 -28.63
CA THR D 27 22.06 -9.37 -29.49
C THR D 27 23.41 -9.53 -28.84
N ASN D 28 24.24 -10.34 -29.47
CA ASN D 28 25.64 -10.44 -29.12
C ASN D 28 26.37 -10.93 -30.35
N PRO D 29 27.70 -10.78 -30.38
CA PRO D 29 28.39 -11.12 -31.64
C PRO D 29 28.11 -12.56 -32.08
N THR D 30 27.91 -13.47 -31.13
CA THR D 30 27.67 -14.87 -31.47
C THR D 30 26.34 -15.02 -32.21
N LEU D 31 25.29 -14.43 -31.67
CA LEU D 31 23.97 -14.50 -32.31
C LEU D 31 23.98 -13.89 -33.71
N ILE D 32 24.71 -12.80 -33.87
CA ILE D 32 24.79 -12.14 -35.17
C ILE D 32 25.59 -12.97 -36.18
N SER D 33 26.71 -13.53 -35.73
CA SER D 33 27.58 -14.31 -36.60
C SER D 33 26.84 -15.54 -37.12
N LYS D 34 25.98 -16.11 -36.26
CA LYS D 34 25.17 -17.26 -36.63
C LYS D 34 24.36 -17.00 -37.89
N GLU D 35 23.88 -15.78 -38.05
CA GLU D 35 23.04 -15.42 -39.21
C GLU D 35 23.89 -15.02 -40.42
N ALA D 36 25.17 -14.73 -40.18
CA ALA D 36 26.05 -14.23 -41.23
C ALA D 36 26.51 -15.35 -42.15
N VAL D 37 25.56 -16.01 -42.80
CA VAL D 37 25.84 -17.17 -43.63
C VAL D 37 25.27 -16.98 -45.03
N ASN D 38 25.79 -17.73 -46.00
CA ASN D 38 25.26 -17.74 -47.36
C ASN D 38 25.21 -16.36 -48.01
N GLY D 39 26.20 -15.52 -47.73
CA GLY D 39 26.30 -14.22 -48.36
C GLY D 39 26.01 -13.07 -47.41
N LYS D 40 25.21 -13.34 -46.37
CA LYS D 40 24.84 -12.31 -45.41
C LYS D 40 26.04 -11.83 -44.60
N LYS D 41 26.24 -10.52 -44.58
CA LYS D 41 27.35 -9.91 -43.87
C LYS D 41 26.98 -9.55 -42.43
N TYR D 42 27.91 -9.83 -41.51
CA TYR D 42 27.76 -9.48 -40.11
C TYR D 42 27.13 -8.10 -39.92
N GLY D 43 27.76 -7.07 -40.45
CA GLY D 43 27.28 -5.71 -40.26
C GLY D 43 25.91 -5.43 -40.88
N ASP D 44 25.62 -6.12 -41.98
CA ASP D 44 24.32 -6.00 -42.63
C ASP D 44 23.21 -6.54 -41.74
N ILE D 45 23.54 -7.55 -40.94
CA ILE D 45 22.56 -8.16 -40.07
C ILE D 45 22.11 -7.17 -38.99
N ILE D 46 23.09 -6.56 -38.32
CA ILE D 46 22.81 -5.65 -37.23
C ILE D 46 22.10 -4.40 -37.75
N ARG D 47 22.50 -3.93 -38.93
CA ARG D 47 21.89 -2.75 -39.51
C ARG D 47 20.42 -2.97 -39.84
N GLU D 48 20.11 -4.15 -40.39
CA GLU D 48 18.73 -4.48 -40.72
C GLU D 48 17.87 -4.58 -39.45
N ILE D 49 18.45 -5.18 -38.42
CA ILE D 49 17.74 -5.34 -37.16
C ILE D 49 17.44 -3.96 -36.58
N LEU D 50 18.43 -3.09 -36.59
CA LEU D 50 18.24 -1.73 -36.11
C LEU D 50 17.16 -1.00 -36.90
N LYS D 51 17.15 -1.21 -38.21
CA LYS D 51 16.16 -0.57 -39.08
C LYS D 51 14.73 -1.04 -38.79
N ILE D 52 14.53 -2.35 -38.72
CA ILE D 52 13.18 -2.88 -38.69
C ILE D 52 12.55 -2.89 -37.30
N VAL D 53 13.38 -2.97 -36.26
CA VAL D 53 12.86 -3.01 -34.89
C VAL D 53 12.54 -1.59 -34.38
N ASP D 54 11.29 -1.35 -34.02
CA ASP D 54 10.91 -0.03 -33.48
C ASP D 54 11.59 0.18 -32.12
N GLY D 55 11.52 -0.84 -31.28
CA GLY D 55 12.03 -0.73 -29.93
C GLY D 55 13.53 -0.84 -29.84
N PRO D 56 14.04 -1.00 -28.61
CA PRO D 56 15.45 -1.08 -28.27
C PRO D 56 16.14 -2.28 -28.90
N VAL D 57 17.38 -2.11 -29.32
CA VAL D 57 18.19 -3.22 -29.80
C VAL D 57 19.56 -3.17 -29.12
N SER D 58 19.85 -4.18 -28.31
N SER D 58 19.83 -4.14 -28.26
CA SER D 58 21.08 -4.20 -27.50
CA SER D 58 21.10 -4.16 -27.52
C SER D 58 22.27 -4.81 -28.24
C SER D 58 22.25 -4.77 -28.31
N VAL D 59 23.37 -4.07 -28.31
CA VAL D 59 24.57 -4.47 -29.03
C VAL D 59 25.79 -4.43 -28.09
N GLU D 60 26.57 -5.50 -28.03
CA GLU D 60 27.66 -5.57 -27.05
C GLU D 60 28.90 -4.80 -27.50
N VAL D 61 29.59 -4.15 -26.56
CA VAL D 61 30.91 -3.60 -26.86
C VAL D 61 31.91 -4.68 -26.50
N VAL D 62 32.98 -4.80 -27.29
CA VAL D 62 33.96 -5.83 -27.03
C VAL D 62 35.21 -5.27 -26.33
N SER D 63 35.47 -3.99 -26.51
CA SER D 63 36.58 -3.35 -25.82
C SER D 63 36.41 -3.50 -24.30
N THR D 64 37.52 -3.75 -23.60
CA THR D 64 37.46 -3.93 -22.15
C THR D 64 37.96 -2.70 -21.40
N LYS D 65 38.52 -1.76 -22.14
CA LYS D 65 39.05 -0.55 -21.52
C LYS D 65 38.17 0.66 -21.80
N TYR D 66 38.18 1.61 -20.88
CA TYR D 66 37.31 2.77 -20.95
C TYR D 66 37.25 3.45 -22.32
N GLU D 67 38.41 3.86 -22.85
CA GLU D 67 38.43 4.61 -24.10
C GLU D 67 37.87 3.82 -25.27
N GLY D 68 38.25 2.55 -25.37
CA GLY D 68 37.74 1.67 -26.41
C GLY D 68 36.24 1.48 -26.31
N MET D 69 35.73 1.37 -25.08
CA MET D 69 34.30 1.19 -24.85
C MET D 69 33.49 2.38 -25.34
N VAL D 70 33.92 3.57 -24.94
CA VAL D 70 33.19 4.78 -25.30
C VAL D 70 33.26 5.03 -26.81
N GLU D 71 34.43 4.81 -27.40
CA GLU D 71 34.56 5.02 -28.84
C GLU D 71 33.70 4.02 -29.60
N GLU D 72 33.72 2.78 -29.16
CA GLU D 72 32.90 1.76 -29.78
C GLU D 72 31.41 2.06 -29.59
N ALA D 73 31.05 2.46 -28.37
CA ALA D 73 29.65 2.74 -28.07
C ALA D 73 29.12 3.88 -28.94
N ARG D 74 29.97 4.87 -29.19
CA ARG D 74 29.56 5.99 -30.04
C ARG D 74 29.31 5.54 -31.47
N LYS D 75 30.12 4.59 -31.94
CA LYS D 75 29.94 4.05 -33.28
C LYS D 75 28.66 3.25 -33.40
N ILE D 76 28.38 2.44 -32.37
CA ILE D 76 27.13 1.69 -32.31
C ILE D 76 25.94 2.63 -32.32
N HIS D 77 25.99 3.66 -31.46
CA HIS D 77 24.92 4.64 -31.39
C HIS D 77 24.68 5.27 -32.76
N GLY D 78 25.75 5.50 -33.50
CA GLY D 78 25.65 6.11 -34.82
C GLY D 78 24.87 5.25 -35.80
N LEU D 79 24.64 4.00 -35.45
CA LEU D 79 23.96 3.06 -36.35
C LEU D 79 22.44 3.13 -36.25
N GLY D 80 21.93 3.63 -35.14
CA GLY D 80 20.49 3.78 -34.97
C GLY D 80 20.15 4.34 -33.61
N ASP D 81 19.17 5.24 -33.54
CA ASP D 81 18.77 5.85 -32.26
C ASP D 81 18.25 4.82 -31.27
N ASN D 82 17.84 3.67 -31.77
CA ASN D 82 17.29 2.63 -30.90
C ASN D 82 18.36 1.66 -30.42
N ALA D 83 19.61 1.89 -30.84
CA ALA D 83 20.69 1.04 -30.38
C ALA D 83 20.95 1.28 -28.89
N VAL D 84 21.14 0.19 -28.16
CA VAL D 84 21.47 0.25 -26.74
C VAL D 84 22.82 -0.44 -26.56
N VAL D 85 23.77 0.25 -25.94
CA VAL D 85 25.12 -0.29 -25.84
C VAL D 85 25.28 -1.14 -24.60
N LYS D 86 25.68 -2.39 -24.80
CA LYS D 86 25.81 -3.34 -23.72
C LYS D 86 27.23 -3.30 -23.18
N ILE D 87 27.35 -3.02 -21.88
CA ILE D 87 28.64 -2.80 -21.24
C ILE D 87 28.69 -3.60 -19.95
N PRO D 88 29.80 -4.32 -19.70
CA PRO D 88 29.86 -5.15 -18.50
C PRO D 88 30.05 -4.36 -17.20
N MET D 89 29.64 -4.97 -16.10
CA MET D 89 29.84 -4.43 -14.76
C MET D 89 31.32 -4.55 -14.37
N THR D 90 32.10 -3.54 -14.75
CA THR D 90 33.51 -3.43 -14.36
C THR D 90 33.78 -1.97 -14.04
N GLU D 91 34.93 -1.69 -13.43
CA GLU D 91 35.29 -0.32 -13.10
C GLU D 91 35.30 0.55 -14.35
N ASP D 92 35.92 0.05 -15.42
CA ASP D 92 35.91 0.79 -16.68
C ASP D 92 34.52 0.86 -17.29
N GLY D 93 33.70 -0.17 -17.08
CA GLY D 93 32.34 -0.13 -17.56
C GLY D 93 31.49 0.96 -16.93
N LEU D 94 31.60 1.09 -15.61
CA LEU D 94 30.88 2.14 -14.89
C LEU D 94 31.31 3.52 -15.39
N ARG D 95 32.61 3.72 -15.58
CA ARG D 95 33.08 5.00 -16.08
C ARG D 95 32.46 5.27 -17.46
N ALA D 96 32.44 4.24 -18.31
CA ALA D 96 31.87 4.37 -19.65
C ALA D 96 30.37 4.67 -19.61
N ILE D 97 29.63 3.95 -18.78
CA ILE D 97 28.19 4.21 -18.61
C ILE D 97 27.94 5.66 -18.16
N LYS D 98 28.72 6.13 -17.21
CA LYS D 98 28.55 7.52 -16.75
C LYS D 98 28.78 8.48 -17.92
N THR D 99 29.87 8.28 -18.64
CA THR D 99 30.16 9.13 -19.79
C THR D 99 29.08 9.03 -20.86
N LEU D 100 28.67 7.82 -21.22
CA LEU D 100 27.68 7.64 -22.28
C LEU D 100 26.30 8.18 -21.88
N SER D 101 25.92 8.02 -20.62
CA SER D 101 24.66 8.56 -20.14
C SER D 101 24.62 10.08 -20.32
N SER D 102 25.76 10.73 -20.13
CA SER D 102 25.84 12.17 -20.31
C SER D 102 25.60 12.54 -21.76
N GLU D 103 25.97 11.64 -22.65
CA GLU D 103 25.84 11.87 -24.09
C GLU D 103 24.48 11.42 -24.61
N HIS D 104 23.63 10.98 -23.69
CA HIS D 104 22.31 10.46 -24.04
C HIS D 104 22.39 9.28 -25.00
N ILE D 105 23.38 8.43 -24.78
CA ILE D 105 23.45 7.14 -25.45
C ILE D 105 22.94 6.09 -24.48
N ASN D 106 21.93 5.35 -24.88
CA ASN D 106 21.33 4.35 -23.98
C ASN D 106 22.25 3.16 -23.76
N THR D 107 22.23 2.61 -22.56
CA THR D 107 23.21 1.62 -22.13
C THR D 107 22.52 0.45 -21.40
N ASN D 108 23.18 -0.70 -21.41
CA ASN D 108 22.65 -1.92 -20.81
C ASN D 108 23.82 -2.57 -20.08
N CYS D 109 23.78 -2.61 -18.75
CA CYS D 109 24.89 -3.17 -17.99
C CYS D 109 24.70 -4.66 -17.80
N THR D 110 25.65 -5.44 -18.30
N THR D 110 25.63 -5.45 -18.32
CA THR D 110 25.53 -6.89 -18.31
CA THR D 110 25.51 -6.91 -18.26
C THR D 110 26.49 -7.53 -17.30
C THR D 110 26.41 -7.51 -17.21
N LEU D 111 26.33 -8.84 -17.09
CA LEU D 111 27.14 -9.58 -16.12
C LEU D 111 26.91 -9.07 -14.70
N VAL D 112 25.65 -8.77 -14.41
CA VAL D 112 25.22 -8.39 -13.08
C VAL D 112 24.75 -9.65 -12.34
N PHE D 113 25.32 -9.90 -11.16
CA PHE D 113 25.03 -11.12 -10.41
C PHE D 113 24.56 -10.91 -8.96
N ASN D 114 24.54 -9.66 -8.51
CA ASN D 114 23.92 -9.33 -7.22
C ASN D 114 23.20 -7.97 -7.27
N PRO D 115 22.41 -7.67 -6.24
CA PRO D 115 21.61 -6.43 -6.32
C PRO D 115 22.42 -5.14 -6.23
N ILE D 116 23.51 -5.17 -5.48
CA ILE D 116 24.31 -3.96 -5.33
C ILE D 116 25.02 -3.62 -6.65
N GLN D 117 25.50 -4.62 -7.38
CA GLN D 117 26.03 -4.35 -8.71
C GLN D 117 25.00 -3.62 -9.56
N ALA D 118 23.75 -4.09 -9.49
CA ALA D 118 22.67 -3.48 -10.25
C ALA D 118 22.46 -2.03 -9.83
N LEU D 119 22.56 -1.79 -8.53
CA LEU D 119 22.38 -0.44 -8.02
C LEU D 119 23.50 0.48 -8.50
N LEU D 120 24.73 -0.02 -8.48
CA LEU D 120 25.84 0.82 -8.92
C LEU D 120 25.67 1.24 -10.38
N ALA D 121 25.27 0.30 -11.23
CA ALA D 121 25.00 0.59 -12.63
C ALA D 121 23.91 1.64 -12.80
N ALA D 122 22.84 1.53 -12.02
CA ALA D 122 21.77 2.51 -12.05
C ALA D 122 22.28 3.90 -11.64
N LYS D 123 23.15 3.96 -10.64
CA LYS D 123 23.69 5.24 -10.18
C LYS D 123 24.57 5.89 -11.25
N ALA D 124 25.27 5.08 -12.03
CA ALA D 124 26.08 5.62 -13.11
C ALA D 124 25.24 6.10 -14.29
N GLY D 125 23.94 5.81 -14.26
CA GLY D 125 23.00 6.35 -15.23
C GLY D 125 22.51 5.35 -16.26
N VAL D 126 22.71 4.06 -16.00
CA VAL D 126 22.45 3.04 -17.01
C VAL D 126 20.95 2.94 -17.32
N THR D 127 20.62 2.64 -18.57
CA THR D 127 19.24 2.50 -19.00
C THR D 127 18.63 1.17 -18.56
N TYR D 128 19.38 0.08 -18.76
CA TYR D 128 18.99 -1.26 -18.33
C TYR D 128 20.09 -1.92 -17.49
N VAL D 129 19.69 -2.72 -16.51
N VAL D 129 19.67 -2.77 -16.56
CA VAL D 129 20.63 -3.66 -15.89
CA VAL D 129 20.60 -3.66 -15.87
C VAL D 129 20.16 -5.07 -16.26
C VAL D 129 20.16 -5.10 -16.15
N SER D 130 21.10 -5.92 -16.60
CA SER D 130 20.78 -7.29 -17.02
C SER D 130 21.39 -8.33 -16.07
N PRO D 131 20.66 -8.71 -15.01
CA PRO D 131 21.14 -9.80 -14.16
C PRO D 131 20.95 -11.16 -14.85
N PHE D 132 21.92 -12.04 -14.72
CA PHE D 132 21.88 -13.34 -15.43
C PHE D 132 21.35 -14.45 -14.52
N VAL D 133 20.03 -14.64 -14.51
CA VAL D 133 19.43 -15.54 -13.52
C VAL D 133 19.81 -17.01 -13.71
N GLY D 134 19.89 -17.47 -14.95
CA GLY D 134 20.20 -18.86 -15.22
C GLY D 134 21.61 -19.20 -14.76
N ARG D 135 22.51 -18.24 -14.86
CA ARG D 135 23.88 -18.48 -14.42
C ARG D 135 24.03 -18.54 -12.90
N LEU D 136 23.15 -17.83 -12.18
CA LEU D 136 23.07 -17.98 -10.73
C LEU D 136 22.49 -19.36 -10.38
N ASP D 137 21.42 -19.75 -11.08
CA ASP D 137 20.85 -21.09 -10.91
C ASP D 137 21.96 -22.13 -11.10
N ASP D 138 22.81 -21.90 -12.09
CA ASP D 138 23.87 -22.88 -12.41
C ASP D 138 24.77 -23.12 -11.21
N ILE D 139 24.97 -22.09 -10.38
CA ILE D 139 25.86 -22.24 -9.23
C ILE D 139 25.13 -22.45 -7.89
N GLY D 140 23.86 -22.82 -7.97
CA GLY D 140 23.13 -23.26 -6.79
C GLY D 140 22.54 -22.13 -5.97
N GLU D 141 22.38 -20.98 -6.60
CA GLU D 141 21.67 -19.87 -5.99
C GLU D 141 20.45 -19.54 -6.85
N ASP D 142 19.29 -19.38 -6.22
CA ASP D 142 18.06 -19.06 -6.93
C ASP D 142 18.15 -17.65 -7.50
N GLY D 143 18.38 -17.56 -8.80
CA GLY D 143 18.65 -16.28 -9.43
C GLY D 143 17.49 -15.29 -9.37
N MET D 144 16.27 -15.80 -9.28
CA MET D 144 15.11 -14.91 -9.22
C MET D 144 15.07 -14.10 -7.92
N GLN D 145 15.72 -14.59 -6.87
CA GLN D 145 15.75 -13.84 -5.63
C GLN D 145 16.53 -12.54 -5.81
N ILE D 146 17.54 -12.57 -6.66
CA ILE D 146 18.29 -11.35 -6.95
C ILE D 146 17.39 -10.36 -7.70
N ILE D 147 16.58 -10.85 -8.64
CA ILE D 147 15.65 -9.96 -9.32
C ILE D 147 14.68 -9.31 -8.32
N ASP D 148 14.15 -10.10 -7.40
CA ASP D 148 13.22 -9.59 -6.40
C ASP D 148 13.86 -8.46 -5.56
N MET D 149 15.09 -8.68 -5.11
CA MET D 149 15.76 -7.65 -4.32
C MET D 149 16.04 -6.39 -5.13
N ILE D 150 16.43 -6.55 -6.39
CA ILE D 150 16.68 -5.38 -7.24
C ILE D 150 15.38 -4.58 -7.43
N ARG D 151 14.27 -5.29 -7.64
CA ARG D 151 12.96 -4.63 -7.76
C ARG D 151 12.62 -3.80 -6.52
N THR D 152 12.85 -4.38 -5.34
CA THR D 152 12.63 -3.66 -4.10
C THR D 152 13.53 -2.43 -3.98
N ILE D 153 14.81 -2.62 -4.23
CA ILE D 153 15.76 -1.50 -4.19
C ILE D 153 15.35 -0.39 -5.15
N PHE D 154 15.10 -0.75 -6.41
CA PHE D 154 14.73 0.25 -7.41
C PHE D 154 13.44 0.97 -7.02
N ASN D 155 12.44 0.23 -6.53
CA ASN D 155 11.20 0.84 -6.02
C ASN D 155 11.46 1.80 -4.85
N ASN D 156 12.34 1.41 -3.93
CA ASN D 156 12.64 2.24 -2.77
C ASN D 156 13.09 3.66 -3.17
N TYR D 157 13.81 3.74 -4.28
CA TYR D 157 14.44 5.00 -4.67
C TYR D 157 13.90 5.58 -5.98
N ILE D 158 12.76 5.06 -6.42
CA ILE D 158 12.15 5.45 -7.69
C ILE D 158 13.19 5.52 -8.81
N ILE D 159 14.01 4.48 -8.86
CA ILE D 159 15.06 4.38 -9.86
C ILE D 159 14.44 4.08 -11.23
N LYS D 160 14.90 4.79 -12.25
CA LYS D 160 14.29 4.70 -13.57
C LYS D 160 14.96 3.67 -14.48
N THR D 161 16.14 3.21 -14.08
CA THR D 161 16.78 2.10 -14.76
C THR D 161 15.82 0.92 -14.82
N GLN D 162 15.76 0.27 -15.97
CA GLN D 162 14.90 -0.90 -16.13
C GLN D 162 15.62 -2.21 -15.80
N ILE D 163 14.93 -3.09 -15.10
CA ILE D 163 15.49 -4.42 -14.85
C ILE D 163 15.21 -5.27 -16.07
N LEU D 164 16.27 -5.78 -16.67
CA LEU D 164 16.18 -6.61 -17.87
C LEU D 164 16.65 -8.01 -17.49
N VAL D 165 15.71 -8.90 -17.17
CA VAL D 165 16.07 -10.25 -16.74
C VAL D 165 16.67 -11.05 -17.89
N ALA D 166 17.91 -11.50 -17.71
CA ALA D 166 18.62 -12.20 -18.78
C ALA D 166 19.07 -13.59 -18.33
N SER D 167 19.74 -14.31 -19.21
CA SER D 167 20.09 -15.70 -18.93
C SER D 167 18.84 -16.46 -18.51
N ILE D 168 17.73 -16.22 -19.22
CA ILE D 168 16.48 -16.90 -18.94
C ILE D 168 16.49 -18.31 -19.52
N ARG D 169 16.07 -19.30 -18.74
CA ARG D 169 16.18 -20.71 -19.14
C ARG D 169 14.85 -21.43 -19.30
N ASN D 170 13.80 -20.89 -18.70
CA ASN D 170 12.52 -21.58 -18.66
C ASN D 170 11.35 -20.61 -18.39
N PRO D 171 10.11 -21.09 -18.59
CA PRO D 171 8.94 -20.21 -18.47
C PRO D 171 8.68 -19.71 -17.05
N ILE D 172 9.26 -20.36 -16.05
CA ILE D 172 9.05 -19.94 -14.68
C ILE D 172 9.93 -18.76 -14.31
N HIS D 173 11.12 -18.67 -14.90
CA HIS D 173 11.87 -17.41 -14.83
C HIS D 173 10.98 -16.26 -15.29
N VAL D 174 10.23 -16.51 -16.36
CA VAL D 174 9.39 -15.46 -16.94
C VAL D 174 8.22 -15.17 -16.02
N LEU D 175 7.54 -16.22 -15.58
CA LEU D 175 6.43 -16.03 -14.64
C LEU D 175 6.86 -15.26 -13.39
N ARG D 176 7.98 -15.67 -12.80
CA ARG D 176 8.40 -15.04 -11.55
C ARG D 176 8.85 -13.60 -11.80
N SER D 177 9.45 -13.36 -12.96
CA SER D 177 9.82 -11.99 -13.34
C SER D 177 8.59 -11.08 -13.38
N ALA D 178 7.52 -11.58 -13.97
CA ALA D 178 6.27 -10.83 -14.09
C ALA D 178 5.60 -10.59 -12.74
N VAL D 179 5.60 -11.60 -11.87
CA VAL D 179 5.01 -11.46 -10.55
C VAL D 179 5.84 -10.48 -9.70
N ILE D 180 7.16 -10.52 -9.84
CA ILE D 180 8.02 -9.58 -9.14
C ILE D 180 7.82 -8.16 -9.64
N GLY D 181 7.64 -8.04 -10.96
CA GLY D 181 7.46 -6.72 -11.56
C GLY D 181 8.71 -6.23 -12.28
N ALA D 182 9.54 -7.16 -12.75
CA ALA D 182 10.69 -6.77 -13.56
C ALA D 182 10.21 -6.04 -14.79
N ASP D 183 10.96 -5.04 -15.23
CA ASP D 183 10.56 -4.24 -16.38
C ASP D 183 10.58 -5.02 -17.70
N VAL D 184 11.57 -5.89 -17.84
CA VAL D 184 11.80 -6.56 -19.11
C VAL D 184 12.34 -7.96 -18.87
N VAL D 185 11.98 -8.89 -19.75
CA VAL D 185 12.72 -10.15 -19.86
C VAL D 185 13.25 -10.29 -21.28
N THR D 186 14.43 -10.87 -21.43
CA THR D 186 14.88 -11.24 -22.77
C THR D 186 14.96 -12.75 -22.88
N VAL D 187 14.37 -13.28 -23.96
CA VAL D 187 14.22 -14.71 -24.13
C VAL D 187 14.51 -15.07 -25.57
N PRO D 188 15.06 -16.27 -25.78
CA PRO D 188 15.23 -16.83 -27.13
C PRO D 188 13.88 -17.10 -27.76
N PHE D 189 13.83 -17.24 -29.09
CA PHE D 189 12.57 -17.46 -29.78
C PHE D 189 11.86 -18.73 -29.30
N ASN D 190 12.62 -19.77 -28.97
CA ASN D 190 11.97 -21.03 -28.60
C ASN D 190 11.28 -20.91 -27.24
N VAL D 191 11.91 -20.18 -26.32
CA VAL D 191 11.27 -19.91 -25.04
C VAL D 191 10.04 -19.05 -25.27
N LEU D 192 10.18 -18.01 -26.08
CA LEU D 192 9.05 -17.14 -26.39
C LEU D 192 7.86 -17.96 -26.87
N LYS D 193 8.12 -18.83 -27.83
CA LYS D 193 7.04 -19.62 -28.41
C LYS D 193 6.38 -20.53 -27.37
N SER D 194 7.20 -21.07 -26.46
CA SER D 194 6.68 -21.96 -25.43
C SER D 194 5.75 -21.23 -24.46
N LEU D 195 5.96 -19.93 -24.30
CA LEU D 195 5.16 -19.15 -23.35
C LEU D 195 3.66 -19.14 -23.65
N MET D 196 3.27 -19.36 -24.89
CA MET D 196 1.85 -19.29 -25.21
C MET D 196 1.13 -20.63 -25.16
N LYS D 197 1.88 -21.68 -24.84
CA LYS D 197 1.35 -23.05 -24.95
C LYS D 197 0.85 -23.61 -23.62
N HIS D 198 -0.17 -24.45 -23.72
CA HIS D 198 -0.70 -25.18 -22.57
C HIS D 198 -1.62 -26.28 -23.12
N PRO D 199 -1.51 -27.49 -22.58
CA PRO D 199 -2.29 -28.61 -23.15
C PRO D 199 -3.81 -28.40 -23.05
N LYS D 200 -4.28 -27.69 -22.02
CA LYS D 200 -5.73 -27.44 -21.90
C LYS D 200 -6.22 -26.41 -22.92
N THR D 201 -5.31 -25.57 -23.40
CA THR D 201 -5.65 -24.67 -24.50
C THR D 201 -5.91 -25.48 -25.75
N ASP D 202 -4.97 -26.35 -26.09
CA ASP D 202 -5.11 -27.24 -27.25
C ASP D 202 -6.37 -28.12 -27.16
N GLU D 203 -6.56 -28.77 -26.03
CA GLU D 203 -7.70 -29.65 -25.85
C GLU D 203 -9.00 -28.87 -25.89
N GLY D 204 -9.00 -27.69 -25.30
CA GLY D 204 -10.20 -26.87 -25.24
C GLY D 204 -10.60 -26.39 -26.62
N LEU D 205 -9.61 -25.95 -27.39
CA LEU D 205 -9.91 -25.49 -28.74
C LEU D 205 -10.45 -26.63 -29.61
N ALA D 206 -9.86 -27.82 -29.48
CA ALA D 206 -10.31 -28.96 -30.27
C ALA D 206 -11.77 -29.30 -29.96
N LYS D 207 -12.12 -29.25 -28.68
CA LYS D 207 -13.50 -29.51 -28.27
C LYS D 207 -14.48 -28.46 -28.81
N PHE D 208 -14.13 -27.18 -28.68
CA PHE D 208 -14.97 -26.12 -29.23
C PHE D 208 -15.25 -26.40 -30.69
N LEU D 209 -14.18 -26.66 -31.45
CA LEU D 209 -14.32 -26.78 -32.90
C LEU D 209 -15.07 -28.05 -33.30
N GLU D 210 -14.98 -29.08 -32.48
CA GLU D 210 -15.76 -30.28 -32.70
C GLU D 210 -17.25 -29.99 -32.49
N ASP D 211 -17.56 -29.29 -31.40
CA ASP D 211 -18.95 -28.92 -31.10
C ASP D 211 -19.53 -27.98 -32.14
N TRP D 212 -18.71 -27.07 -32.64
CA TRP D 212 -19.21 -26.13 -33.64
C TRP D 212 -19.70 -26.84 -34.90
N LYS D 213 -19.04 -27.92 -35.27
CA LYS D 213 -19.45 -28.68 -36.46
C LYS D 213 -20.86 -29.25 -36.34
N LYS D 214 -21.35 -29.41 -35.12
CA LYS D 214 -22.74 -29.86 -34.91
C LYS D 214 -23.73 -28.83 -35.46
N VAL D 215 -23.40 -27.56 -35.33
CA VAL D 215 -24.29 -26.49 -35.76
C VAL D 215 -23.89 -25.93 -37.12
N SER D 216 -22.68 -26.25 -37.56
CA SER D 216 -22.14 -25.71 -38.80
C SER D 216 -21.21 -26.73 -39.43
N PRO D 217 -21.78 -27.68 -40.19
CA PRO D 217 -21.04 -28.81 -40.78
C PRO D 217 -19.76 -28.40 -41.50
N ASP D 218 -19.80 -27.29 -42.22
CA ASP D 218 -18.64 -26.82 -42.96
C ASP D 218 -17.64 -26.11 -42.05
N GLY D 219 -18.02 -25.94 -40.79
CA GLY D 219 -17.15 -25.32 -39.80
C GLY D 219 -17.05 -23.80 -39.94
N LYS D 220 -17.98 -23.22 -40.69
CA LYS D 220 -17.93 -21.79 -40.97
C LYS D 220 -18.66 -20.98 -39.90
N LEU D 221 -18.38 -19.68 -39.86
CA LEU D 221 -19.13 -18.75 -39.03
C LEU D 221 -19.69 -17.66 -39.93
N ILE D 222 -20.92 -17.86 -40.40
CA ILE D 222 -21.54 -16.91 -41.31
C ILE D 222 -22.46 -15.96 -40.55
N LEU D 223 -22.11 -14.68 -40.58
CA LEU D 223 -22.82 -13.66 -39.82
C LEU D 223 -23.27 -12.51 -40.73
N MET E 1 19.60 5.25 -3.53
CA MET E 1 20.47 5.31 -2.37
C MET E 1 21.76 6.04 -2.72
N LYS E 2 22.04 7.11 -1.99
CA LYS E 2 23.29 7.81 -2.17
C LYS E 2 24.44 7.02 -1.55
N ILE E 3 25.61 7.16 -2.12
CA ILE E 3 26.83 6.57 -1.58
C ILE E 3 27.84 7.68 -1.30
N PHE E 4 28.26 7.81 -0.06
CA PHE E 4 29.34 8.73 0.30
C PHE E 4 30.62 7.92 0.53
N LEU E 5 31.76 8.49 0.19
CA LEU E 5 33.03 7.85 0.50
C LEU E 5 33.48 8.28 1.88
N ASP E 6 33.84 7.31 2.71
CA ASP E 6 34.31 7.59 4.06
C ASP E 6 35.83 7.76 4.03
N THR E 7 36.30 8.91 3.56
CA THR E 7 37.73 9.14 3.37
C THR E 7 38.02 10.62 3.21
N ALA E 8 39.31 10.97 3.21
CA ALA E 8 39.72 12.33 2.89
C ALA E 8 40.80 12.29 1.81
N ASN E 9 40.94 11.12 1.19
CA ASN E 9 41.89 10.95 0.09
C ASN E 9 41.28 11.40 -1.22
N ILE E 10 41.87 12.44 -1.80
CA ILE E 10 41.34 13.08 -3.01
C ILE E 10 41.36 12.15 -4.23
N ASP E 11 42.42 11.37 -4.38
CA ASP E 11 42.51 10.43 -5.49
C ASP E 11 41.38 9.41 -5.41
N GLU E 12 41.09 8.92 -4.21
CA GLU E 12 40.00 7.97 -4.01
C GLU E 12 38.67 8.62 -4.36
N ILE E 13 38.50 9.87 -3.95
CA ILE E 13 37.26 10.59 -4.20
C ILE E 13 37.06 10.83 -5.70
N ARG E 14 38.12 11.25 -6.38
CA ARG E 14 38.04 11.51 -7.81
C ARG E 14 37.69 10.24 -8.60
N THR E 15 38.34 9.13 -8.27
CA THR E 15 38.08 7.88 -8.96
C THR E 15 36.65 7.40 -8.73
N GLY E 16 36.18 7.53 -7.49
CA GLY E 16 34.82 7.15 -7.15
C GLY E 16 33.78 7.94 -7.91
N VAL E 17 34.00 9.26 -8.00
CA VAL E 17 33.09 10.15 -8.71
C VAL E 17 33.06 9.85 -10.20
N ASN E 18 34.22 9.48 -10.76
CA ASN E 18 34.29 9.10 -12.16
C ASN E 18 33.50 7.83 -12.50
N TRP E 19 33.35 6.94 -11.51
CA TRP E 19 32.53 5.74 -11.71
C TRP E 19 31.06 6.11 -11.68
N GLY E 20 30.78 7.34 -11.26
CA GLY E 20 29.43 7.86 -11.21
C GLY E 20 28.61 7.34 -10.05
N ILE E 21 29.27 6.84 -9.02
CA ILE E 21 28.58 6.16 -7.92
C ILE E 21 28.88 6.77 -6.56
N VAL E 22 29.58 7.90 -6.56
CA VAL E 22 29.88 8.62 -5.32
C VAL E 22 29.20 9.98 -5.29
N ASP E 23 28.43 10.25 -4.24
CA ASP E 23 27.58 11.42 -4.21
C ASP E 23 28.01 12.47 -3.19
N GLY E 24 29.10 12.19 -2.48
CA GLY E 24 29.50 13.01 -1.36
C GLY E 24 30.54 12.29 -0.54
N VAL E 25 31.00 12.93 0.54
CA VAL E 25 32.11 12.42 1.34
C VAL E 25 31.87 12.63 2.84
N THR E 26 32.29 11.66 3.66
CA THR E 26 32.28 11.85 5.10
C THR E 26 33.67 11.77 5.69
N THR E 27 33.99 12.70 6.59
CA THR E 27 35.32 12.71 7.19
C THR E 27 35.24 12.71 8.71
N ASN E 28 36.39 12.54 9.33
CA ASN E 28 36.55 12.71 10.77
C ASN E 28 38.02 13.04 10.99
N PRO E 29 38.37 13.54 12.18
CA PRO E 29 39.75 13.99 12.43
C PRO E 29 40.82 13.00 11.96
N THR E 30 40.62 11.71 12.22
CA THR E 30 41.59 10.68 11.85
C THR E 30 41.80 10.59 10.34
N LEU E 31 40.70 10.58 9.58
CA LEU E 31 40.78 10.45 8.13
C LEU E 31 41.52 11.63 7.50
N ILE E 32 41.20 12.84 7.96
CA ILE E 32 41.85 14.03 7.44
C ILE E 32 43.33 14.07 7.80
N SER E 33 43.64 13.71 9.05
CA SER E 33 45.03 13.74 9.53
C SER E 33 45.91 12.73 8.78
N LYS E 34 45.28 11.67 8.28
CA LYS E 34 45.99 10.69 7.46
C LYS E 34 46.52 11.32 6.18
N GLU E 35 45.76 12.26 5.64
CA GLU E 35 46.13 12.94 4.39
C GLU E 35 46.91 14.23 4.65
N ALA E 36 46.95 14.65 5.91
CA ALA E 36 47.64 15.87 6.30
C ALA E 36 49.14 15.64 6.41
N VAL E 37 49.76 15.31 5.28
CA VAL E 37 51.19 15.01 5.26
C VAL E 37 51.89 15.73 4.10
N ASN E 38 53.22 15.72 4.12
CA ASN E 38 54.00 16.22 3.00
C ASN E 38 53.61 17.62 2.54
N GLY E 39 53.45 18.52 3.50
CA GLY E 39 53.15 19.91 3.19
C GLY E 39 51.68 20.21 3.35
N LYS E 40 50.83 19.28 2.92
CA LYS E 40 49.40 19.44 3.05
C LYS E 40 49.01 19.67 4.51
N LYS E 41 48.25 20.74 4.74
CA LYS E 41 47.74 21.02 6.08
C LYS E 41 46.29 20.60 6.26
N TYR E 42 45.95 20.24 7.48
CA TYR E 42 44.61 19.85 7.88
C TYR E 42 43.52 20.64 7.16
N GLY E 43 43.60 21.96 7.24
CA GLY E 43 42.57 22.83 6.69
C GLY E 43 42.50 22.85 5.18
N ASP E 44 43.66 22.71 4.52
CA ASP E 44 43.66 22.69 3.07
C ASP E 44 42.97 21.45 2.49
N ILE E 45 43.21 20.29 3.09
CA ILE E 45 42.57 19.05 2.66
C ILE E 45 41.06 19.22 2.62
N ILE E 46 40.51 19.77 3.70
CA ILE E 46 39.07 19.96 3.80
C ILE E 46 38.57 20.94 2.74
N ARG E 47 39.37 21.98 2.47
CA ARG E 47 39.03 22.94 1.43
C ARG E 47 39.06 22.32 0.04
N GLU E 48 40.09 21.51 -0.24
CA GLU E 48 40.21 20.85 -1.53
C GLU E 48 39.06 19.89 -1.78
N ILE E 49 38.68 19.16 -0.74
CA ILE E 49 37.57 18.23 -0.86
C ILE E 49 36.29 19.00 -1.12
N LEU E 50 36.09 20.08 -0.37
CA LEU E 50 34.89 20.89 -0.54
C LEU E 50 34.74 21.39 -1.96
N LYS E 51 35.86 21.79 -2.57
CA LYS E 51 35.85 22.35 -3.92
C LYS E 51 35.55 21.30 -5.01
N ILE E 52 36.19 20.14 -4.92
CA ILE E 52 36.08 19.14 -5.99
C ILE E 52 34.74 18.38 -5.95
N VAL E 53 34.23 18.13 -4.75
CA VAL E 53 33.04 17.31 -4.60
C VAL E 53 31.74 18.10 -4.83
N ASP E 54 31.03 17.75 -5.89
CA ASP E 54 29.73 18.37 -6.16
C ASP E 54 28.65 17.67 -5.33
N GLY E 55 28.78 17.76 -4.01
CA GLY E 55 27.85 17.13 -3.10
C GLY E 55 28.24 17.44 -1.67
N PRO E 56 27.56 16.81 -0.70
CA PRO E 56 27.82 17.03 0.74
C PRO E 56 29.17 16.47 1.19
N VAL E 57 29.86 17.21 2.06
CA VAL E 57 31.11 16.77 2.69
C VAL E 57 30.96 16.99 4.20
N SER E 58 30.92 15.89 4.96
N SER E 58 30.92 15.89 4.96
CA SER E 58 30.76 15.98 6.40
CA SER E 58 30.74 15.99 6.40
C SER E 58 32.09 16.15 7.13
C SER E 58 32.08 16.15 7.12
N VAL E 59 32.11 17.11 8.05
CA VAL E 59 33.32 17.44 8.80
C VAL E 59 32.94 17.55 10.27
N GLU E 60 33.70 16.90 11.13
CA GLU E 60 33.29 16.77 12.53
C GLU E 60 33.85 17.87 13.42
N VAL E 61 33.05 18.28 14.40
CA VAL E 61 33.51 19.21 15.42
C VAL E 61 34.25 18.43 16.50
N VAL E 62 35.07 19.14 17.27
CA VAL E 62 35.83 18.51 18.35
C VAL E 62 35.37 18.99 19.73
N SER E 63 34.76 20.17 19.78
CA SER E 63 34.18 20.69 21.02
C SER E 63 33.17 19.70 21.59
N THR E 64 33.14 19.59 22.91
CA THR E 64 32.14 18.76 23.57
C THR E 64 31.09 19.66 24.19
N LYS E 65 31.33 20.97 24.15
CA LYS E 65 30.42 21.93 24.75
C LYS E 65 29.64 22.71 23.70
N TYR E 66 28.42 23.09 24.05
CA TYR E 66 27.53 23.75 23.10
C TYR E 66 28.18 24.90 22.36
N GLU E 67 28.67 25.89 23.09
CA GLU E 67 29.24 27.08 22.47
C GLU E 67 30.37 26.75 21.50
N GLY E 68 31.29 25.90 21.95
CA GLY E 68 32.39 25.49 21.11
C GLY E 68 31.90 24.82 19.84
N MET E 69 30.93 23.91 19.98
CA MET E 69 30.37 23.20 18.84
C MET E 69 29.86 24.17 17.78
N VAL E 70 29.07 25.15 18.20
CA VAL E 70 28.47 26.08 17.24
C VAL E 70 29.51 26.98 16.60
N GLU E 71 30.48 27.45 17.40
CA GLU E 71 31.58 28.24 16.85
C GLU E 71 32.25 27.48 15.71
N GLU E 72 32.73 26.28 16.00
CA GLU E 72 33.33 25.42 14.98
C GLU E 72 32.42 25.28 13.77
N ALA E 73 31.16 24.93 14.03
CA ALA E 73 30.21 24.66 12.95
C ALA E 73 30.10 25.84 11.98
N ARG E 74 30.08 27.05 12.53
CA ARG E 74 29.98 28.25 11.70
C ARG E 74 31.24 28.44 10.86
N LYS E 75 32.38 28.03 11.40
CA LYS E 75 33.64 28.10 10.65
C LYS E 75 33.64 27.10 9.49
N ILE E 76 33.22 25.87 9.79
CA ILE E 76 33.16 24.83 8.78
C ILE E 76 32.24 25.26 7.64
N HIS E 77 31.08 25.81 8.00
CA HIS E 77 30.13 26.27 6.99
C HIS E 77 30.76 27.33 6.09
N GLY E 78 31.52 28.25 6.68
CA GLY E 78 32.16 29.31 5.92
C GLY E 78 33.05 28.78 4.81
N LEU E 79 33.49 27.54 4.95
CA LEU E 79 34.42 26.96 3.99
C LEU E 79 33.77 26.56 2.67
N GLY E 80 32.44 26.49 2.66
CA GLY E 80 31.69 26.15 1.46
C GLY E 80 30.28 25.70 1.78
N ASP E 81 29.35 25.99 0.87
CA ASP E 81 27.93 25.71 1.11
C ASP E 81 27.60 24.22 1.17
N ASN E 82 28.48 23.38 0.63
CA ASN E 82 28.26 21.95 0.63
C ASN E 82 28.77 21.29 1.91
N ALA E 83 29.40 22.08 2.77
CA ALA E 83 29.92 21.56 4.03
C ALA E 83 28.79 21.10 4.95
N VAL E 84 28.99 19.95 5.60
CA VAL E 84 28.01 19.42 6.54
C VAL E 84 28.74 19.17 7.86
N VAL E 85 28.12 19.58 8.98
CA VAL E 85 28.81 19.53 10.26
C VAL E 85 28.36 18.33 11.10
N LYS E 86 29.31 17.44 11.39
CA LYS E 86 29.04 16.28 12.23
C LYS E 86 29.00 16.71 13.69
N ILE E 87 27.95 16.28 14.39
CA ILE E 87 27.76 16.60 15.79
C ILE E 87 27.27 15.34 16.50
N PRO E 88 27.85 15.03 17.66
CA PRO E 88 27.50 13.79 18.37
C PRO E 88 26.14 13.87 19.04
N MET E 89 25.51 12.70 19.22
CA MET E 89 24.25 12.60 19.95
C MET E 89 24.48 12.81 21.45
N THR E 90 24.44 14.07 21.87
CA THR E 90 24.50 14.42 23.28
C THR E 90 23.58 15.62 23.53
N GLU E 91 23.38 15.96 24.80
CA GLU E 91 22.53 17.09 25.16
C GLU E 91 23.00 18.37 24.46
N ASP E 92 24.29 18.68 24.56
CA ASP E 92 24.83 19.85 23.89
C ASP E 92 24.72 19.71 22.36
N GLY E 93 24.89 18.48 21.87
CA GLY E 93 24.79 18.21 20.46
C GLY E 93 23.42 18.58 19.91
N LEU E 94 22.37 18.10 20.56
CA LEU E 94 21.01 18.44 20.16
C LEU E 94 20.82 19.96 20.15
N ARG E 95 21.27 20.62 21.22
CA ARG E 95 21.17 22.08 21.28
C ARG E 95 21.87 22.74 20.09
N ALA E 96 23.06 22.26 19.77
CA ALA E 96 23.80 22.83 18.64
C ALA E 96 23.10 22.57 17.31
N ILE E 97 22.50 21.38 17.17
CA ILE E 97 21.79 21.06 15.94
C ILE E 97 20.59 21.97 15.76
N LYS E 98 19.82 22.18 16.82
CA LYS E 98 18.66 23.07 16.79
C LYS E 98 19.08 24.49 16.37
N THR E 99 20.20 24.95 16.92
CA THR E 99 20.68 26.29 16.61
C THR E 99 21.18 26.39 15.17
N LEU E 100 21.98 25.41 14.76
CA LEU E 100 22.56 25.43 13.42
C LEU E 100 21.53 25.29 12.30
N SER E 101 20.56 24.40 12.49
CA SER E 101 19.52 24.23 11.47
C SER E 101 18.70 25.52 11.31
N SER E 102 18.47 26.22 12.41
CA SER E 102 17.78 27.50 12.35
C SER E 102 18.59 28.53 11.56
N GLU E 103 19.90 28.32 11.49
CA GLU E 103 20.78 29.21 10.74
C GLU E 103 21.06 28.64 9.35
N HIS E 104 20.30 27.61 8.99
CA HIS E 104 20.45 26.97 7.69
C HIS E 104 21.85 26.43 7.48
N ILE E 105 22.45 25.88 8.55
CA ILE E 105 23.69 25.12 8.44
C ILE E 105 23.39 23.62 8.51
N ASN E 106 23.88 22.88 7.52
CA ASN E 106 23.59 21.45 7.42
C ASN E 106 24.40 20.61 8.41
N THR E 107 23.73 19.62 9.00
CA THR E 107 24.29 18.89 10.12
C THR E 107 24.14 17.37 9.96
N ASN E 108 25.04 16.64 10.61
CA ASN E 108 25.08 15.19 10.55
C ASN E 108 25.28 14.68 11.96
N CYS E 109 24.25 14.08 12.54
CA CYS E 109 24.34 13.60 13.92
C CYS E 109 24.96 12.22 14.00
N THR E 110 26.06 12.12 14.71
CA THR E 110 26.82 10.88 14.78
C THR E 110 26.64 10.19 16.13
N LEU E 111 27.17 8.98 16.24
CA LEU E 111 27.09 8.17 17.46
C LEU E 111 25.65 7.88 17.87
N VAL E 112 24.84 7.52 16.88
CA VAL E 112 23.47 7.12 17.09
C VAL E 112 23.43 5.59 17.13
N PHE E 113 22.86 5.02 18.20
CA PHE E 113 22.86 3.56 18.35
C PHE E 113 21.50 2.91 18.58
N ASN E 114 20.46 3.74 18.67
CA ASN E 114 19.09 3.22 18.72
C ASN E 114 18.14 4.13 17.93
N PRO E 115 16.92 3.65 17.63
CA PRO E 115 16.05 4.44 16.76
C PRO E 115 15.53 5.71 17.42
N ILE E 116 15.34 5.73 18.73
CA ILE E 116 14.83 6.93 19.36
C ILE E 116 15.87 8.06 19.33
N GLN E 117 17.14 7.74 19.54
CA GLN E 117 18.17 8.76 19.36
C GLN E 117 18.08 9.39 17.97
N ALA E 118 17.87 8.55 16.95
CA ALA E 118 17.76 9.03 15.59
C ALA E 118 16.58 10.00 15.44
N LEU E 119 15.45 9.63 16.02
CA LEU E 119 14.29 10.49 16.01
C LEU E 119 14.59 11.83 16.69
N LEU E 120 15.21 11.79 17.87
CA LEU E 120 15.52 13.03 18.57
C LEU E 120 16.35 13.97 17.72
N ALA E 121 17.36 13.44 17.04
CA ALA E 121 18.21 14.26 16.19
C ALA E 121 17.40 14.87 15.06
N ALA E 122 16.46 14.10 14.52
CA ALA E 122 15.62 14.59 13.44
C ALA E 122 14.73 15.72 13.94
N LYS E 123 14.17 15.54 15.14
CA LYS E 123 13.31 16.54 15.73
C LYS E 123 14.06 17.85 15.97
N ALA E 124 15.35 17.75 16.25
CA ALA E 124 16.18 18.94 16.45
C ALA E 124 16.57 19.60 15.11
N GLY E 125 16.17 18.96 14.01
CA GLY E 125 16.35 19.54 12.68
C GLY E 125 17.57 19.07 11.90
N VAL E 126 18.14 17.94 12.30
CA VAL E 126 19.40 17.48 11.71
C VAL E 126 19.22 17.05 10.25
N THR E 127 20.24 17.29 9.42
CA THR E 127 20.14 16.98 8.00
C THR E 127 20.29 15.47 7.76
N TYR E 128 21.25 14.86 8.45
CA TYR E 128 21.53 13.42 8.38
C TYR E 128 21.67 12.85 9.77
N VAL E 129 21.27 11.59 9.93
CA VAL E 129 21.61 10.83 11.12
C VAL E 129 22.48 9.64 10.72
N SER E 130 23.53 9.40 11.48
CA SER E 130 24.51 8.36 11.17
C SER E 130 24.59 7.27 12.24
N PRO E 131 23.70 6.27 12.17
CA PRO E 131 23.85 5.14 13.10
C PRO E 131 25.05 4.28 12.70
N PHE E 132 25.81 3.79 13.68
CA PHE E 132 27.04 3.04 13.42
C PHE E 132 26.79 1.53 13.46
N VAL E 133 26.45 0.93 12.32
CA VAL E 133 25.95 -0.44 12.33
C VAL E 133 27.01 -1.46 12.71
N GLY E 134 28.24 -1.25 12.27
CA GLY E 134 29.34 -2.13 12.60
C GLY E 134 29.65 -2.21 14.09
N ARG E 135 29.52 -1.07 14.77
CA ARG E 135 29.78 -1.02 16.20
C ARG E 135 28.67 -1.73 16.97
N LEU E 136 27.46 -1.70 16.41
CA LEU E 136 26.38 -2.49 16.97
C LEU E 136 26.63 -3.99 16.74
N ASP E 137 27.05 -4.35 15.53
CA ASP E 137 27.45 -5.74 15.25
C ASP E 137 28.51 -6.18 16.28
N ASP E 138 29.47 -5.29 16.57
CA ASP E 138 30.56 -5.58 17.50
C ASP E 138 30.07 -6.02 18.88
N ILE E 139 28.94 -5.48 19.31
CA ILE E 139 28.46 -5.80 20.64
C ILE E 139 27.30 -6.80 20.65
N GLY E 140 27.15 -7.54 19.55
CA GLY E 140 26.21 -8.64 19.51
C GLY E 140 24.78 -8.22 19.22
N GLU E 141 24.63 -7.08 18.58
CA GLU E 141 23.32 -6.58 18.18
C GLU E 141 23.36 -6.39 16.67
N ASP E 142 22.39 -6.96 15.95
CA ASP E 142 22.35 -6.83 14.50
C ASP E 142 22.07 -5.38 14.14
N GLY E 143 23.13 -4.66 13.77
CA GLY E 143 23.02 -3.22 13.54
C GLY E 143 21.96 -2.84 12.53
N MET E 144 21.79 -3.65 11.50
CA MET E 144 20.83 -3.32 10.44
C MET E 144 19.37 -3.27 10.92
N GLN E 145 19.04 -3.99 12.00
CA GLN E 145 17.67 -3.92 12.54
C GLN E 145 17.36 -2.49 12.99
N ILE E 146 18.39 -1.81 13.48
CA ILE E 146 18.20 -0.43 13.93
C ILE E 146 17.91 0.49 12.73
N ILE E 147 18.60 0.26 11.62
CA ILE E 147 18.33 1.03 10.41
C ILE E 147 16.90 0.77 9.95
N ASP E 148 16.48 -0.49 10.00
CA ASP E 148 15.11 -0.84 9.62
C ASP E 148 14.07 -0.07 10.44
N MET E 149 14.24 -0.05 11.76
CA MET E 149 13.31 0.68 12.61
C MET E 149 13.32 2.18 12.33
N ILE E 150 14.51 2.76 12.19
CA ILE E 150 14.59 4.17 11.85
C ILE E 150 13.88 4.47 10.54
N ARG E 151 14.04 3.62 9.53
CA ARG E 151 13.35 3.82 8.26
C ARG E 151 11.83 3.84 8.47
N THR E 152 11.32 2.92 9.29
CA THR E 152 9.88 2.84 9.54
C THR E 152 9.40 4.12 10.24
N ILE E 153 10.10 4.49 11.32
CA ILE E 153 9.77 5.71 12.06
C ILE E 153 9.80 6.94 11.17
N PHE E 154 10.87 7.13 10.41
CA PHE E 154 10.96 8.30 9.53
C PHE E 154 9.83 8.30 8.49
N ASN E 155 9.48 7.12 7.99
CA ASN E 155 8.37 7.01 7.04
C ASN E 155 7.04 7.39 7.66
N ASN E 156 6.82 6.92 8.89
CA ASN E 156 5.59 7.23 9.60
C ASN E 156 5.31 8.73 9.65
N TYR E 157 6.36 9.52 9.86
CA TYR E 157 6.16 10.95 10.08
C TYR E 157 6.64 11.84 8.93
N ILE E 158 6.94 11.23 7.78
CA ILE E 158 7.44 11.96 6.62
C ILE E 158 8.66 12.80 7.00
N ILE E 159 9.54 12.20 7.78
CA ILE E 159 10.74 12.90 8.24
C ILE E 159 11.73 13.09 7.09
N LYS E 160 12.26 14.31 6.96
CA LYS E 160 13.15 14.68 5.86
C LYS E 160 14.63 14.45 6.17
N THR E 161 14.94 14.29 7.45
CA THR E 161 16.28 13.83 7.84
C THR E 161 16.65 12.56 7.07
N GLN E 162 17.87 12.54 6.53
CA GLN E 162 18.34 11.40 5.77
C GLN E 162 19.04 10.38 6.66
N ILE E 163 18.74 9.11 6.46
CA ILE E 163 19.42 8.05 7.17
C ILE E 163 20.73 7.74 6.46
N LEU E 164 21.83 7.93 7.16
CA LEU E 164 23.17 7.75 6.62
C LEU E 164 23.82 6.61 7.38
N VAL E 165 23.81 5.42 6.80
CA VAL E 165 24.36 4.27 7.47
C VAL E 165 25.87 4.37 7.50
N ALA E 166 26.43 4.34 8.71
CA ALA E 166 27.87 4.48 8.86
C ALA E 166 28.46 3.28 9.58
N SER E 167 29.78 3.30 9.79
CA SER E 167 30.46 2.15 10.38
C SER E 167 30.13 0.89 9.58
N ILE E 168 30.19 1.01 8.25
CA ILE E 168 29.92 -0.11 7.37
C ILE E 168 31.16 -1.00 7.28
N ARG E 169 30.97 -2.31 7.40
CA ARG E 169 32.09 -3.23 7.48
C ARG E 169 32.17 -4.21 6.30
N ASN E 170 31.06 -4.39 5.60
CA ASN E 170 30.99 -5.41 4.55
C ASN E 170 29.86 -5.12 3.55
N PRO E 171 29.87 -5.80 2.39
CA PRO E 171 28.88 -5.49 1.36
C PRO E 171 27.46 -5.87 1.74
N ILE E 172 27.28 -6.64 2.79
CA ILE E 172 25.93 -7.03 3.20
C ILE E 172 25.24 -5.90 4.00
N HIS E 173 26.03 -5.13 4.75
CA HIS E 173 25.52 -3.90 5.32
C HIS E 173 24.97 -3.01 4.20
N VAL E 174 25.70 -2.97 3.08
CA VAL E 174 25.27 -2.14 1.96
C VAL E 174 24.02 -2.70 1.28
N LEU E 175 24.02 -4.00 0.98
CA LEU E 175 22.84 -4.63 0.41
C LEU E 175 21.61 -4.39 1.28
N ARG E 176 21.74 -4.66 2.58
CA ARG E 176 20.60 -4.55 3.47
C ARG E 176 20.11 -3.10 3.61
N SER E 177 21.06 -2.14 3.64
CA SER E 177 20.69 -0.72 3.64
C SER E 177 19.83 -0.37 2.44
N ALA E 178 20.21 -0.87 1.26
CA ALA E 178 19.46 -0.57 0.04
C ALA E 178 18.09 -1.23 0.04
N VAL E 179 18.00 -2.45 0.55
CA VAL E 179 16.71 -3.14 0.60
C VAL E 179 15.78 -2.47 1.60
N ILE E 180 16.34 -2.00 2.71
CA ILE E 180 15.55 -1.27 3.70
C ILE E 180 15.08 0.07 3.16
N GLY E 181 15.93 0.70 2.34
CA GLY E 181 15.63 2.03 1.81
C GLY E 181 16.29 3.17 2.57
N ALA E 182 17.43 2.88 3.22
CA ALA E 182 18.21 3.95 3.84
C ALA E 182 18.62 4.96 2.77
N ASP E 183 18.67 6.24 3.13
CA ASP E 183 18.95 7.27 2.13
C ASP E 183 20.38 7.25 1.63
N VAL E 184 21.30 6.92 2.52
CA VAL E 184 22.71 7.01 2.21
C VAL E 184 23.46 5.91 2.95
N VAL E 185 24.52 5.41 2.34
CA VAL E 185 25.54 4.66 3.08
C VAL E 185 26.85 5.37 2.88
N THR E 186 27.71 5.39 3.89
CA THR E 186 29.08 5.84 3.68
C THR E 186 30.02 4.67 3.86
N VAL E 187 30.92 4.50 2.91
CA VAL E 187 31.81 3.35 2.90
C VAL E 187 33.24 3.81 2.61
N PRO E 188 34.21 3.09 3.18
CA PRO E 188 35.61 3.32 2.79
C PRO E 188 35.78 2.97 1.32
N PHE E 189 36.89 3.40 0.72
CA PHE E 189 37.15 3.15 -0.70
C PHE E 189 37.26 1.66 -1.01
N ASN E 190 37.83 0.90 -0.07
CA ASN E 190 38.06 -0.51 -0.30
C ASN E 190 36.75 -1.30 -0.35
N VAL E 191 35.85 -1.01 0.57
CA VAL E 191 34.51 -1.58 0.52
C VAL E 191 33.84 -1.15 -0.78
N LEU E 192 33.97 0.14 -1.13
CA LEU E 192 33.37 0.67 -2.36
C LEU E 192 33.78 -0.17 -3.56
N LYS E 193 35.07 -0.47 -3.63
CA LYS E 193 35.63 -1.23 -4.73
C LYS E 193 35.06 -2.63 -4.76
N SER E 194 34.97 -3.25 -3.58
CA SER E 194 34.48 -4.63 -3.51
C SER E 194 33.03 -4.72 -4.01
N LEU E 195 32.29 -3.63 -3.95
CA LEU E 195 30.87 -3.67 -4.26
C LEU E 195 30.59 -4.04 -5.72
N MET E 196 31.57 -3.83 -6.59
CA MET E 196 31.39 -4.06 -8.02
C MET E 196 31.73 -5.48 -8.45
N LYS E 197 32.28 -6.26 -7.53
CA LYS E 197 32.94 -7.50 -7.88
C LYS E 197 32.04 -8.71 -7.68
N HIS E 198 32.17 -9.69 -8.57
CA HIS E 198 31.51 -10.98 -8.41
C HIS E 198 32.23 -11.99 -9.30
N PRO E 199 32.48 -13.19 -8.77
CA PRO E 199 33.27 -14.13 -9.56
C PRO E 199 32.60 -14.53 -10.88
N LYS E 200 31.27 -14.45 -10.96
CA LYS E 200 30.60 -14.81 -12.20
C LYS E 200 30.73 -13.68 -13.22
N THR E 201 30.93 -12.47 -12.73
CA THR E 201 31.25 -11.37 -13.61
C THR E 201 32.59 -11.64 -14.29
N ASP E 202 33.62 -11.93 -13.49
CA ASP E 202 34.94 -12.26 -14.03
C ASP E 202 34.88 -13.43 -15.02
N GLU E 203 34.13 -14.47 -14.68
CA GLU E 203 34.04 -15.63 -15.56
C GLU E 203 33.37 -15.26 -16.88
N GLY E 204 32.32 -14.45 -16.78
CA GLY E 204 31.55 -14.05 -17.94
C GLY E 204 32.36 -13.19 -18.89
N LEU E 205 33.23 -12.33 -18.33
CA LEU E 205 34.11 -11.49 -19.12
C LEU E 205 35.03 -12.36 -19.96
N ALA E 206 35.64 -13.35 -19.32
CA ALA E 206 36.55 -14.24 -20.00
C ALA E 206 35.83 -15.00 -21.10
N LYS E 207 34.59 -15.43 -20.83
CA LYS E 207 33.80 -16.12 -21.84
C LYS E 207 33.46 -15.21 -23.03
N PHE E 208 32.99 -14.00 -22.74
CA PHE E 208 32.75 -13.00 -23.80
C PHE E 208 33.98 -12.88 -24.72
N LEU E 209 35.15 -12.73 -24.11
CA LEU E 209 36.37 -12.54 -24.87
C LEU E 209 36.68 -13.74 -25.74
N GLU E 210 36.46 -14.94 -25.20
CA GLU E 210 36.70 -16.16 -25.96
C GLU E 210 35.69 -16.31 -27.10
N ASP E 211 34.41 -16.08 -26.80
CA ASP E 211 33.36 -16.11 -27.80
C ASP E 211 33.65 -15.13 -28.94
N TRP E 212 34.15 -13.96 -28.59
CA TRP E 212 34.48 -12.92 -29.57
C TRP E 212 35.65 -13.31 -30.46
N LYS E 213 36.65 -13.99 -29.88
CA LYS E 213 37.80 -14.40 -30.66
C LYS E 213 37.40 -15.40 -31.74
N LYS E 214 36.37 -16.22 -31.46
CA LYS E 214 35.84 -17.12 -32.46
C LYS E 214 35.14 -16.34 -33.57
N VAL E 215 34.22 -15.46 -33.19
CA VAL E 215 33.49 -14.65 -34.15
C VAL E 215 34.43 -13.82 -35.02
N SER E 216 35.41 -13.17 -34.39
CA SER E 216 36.34 -12.30 -35.10
C SER E 216 37.77 -12.49 -34.62
N PRO E 217 38.43 -13.58 -35.08
CA PRO E 217 39.80 -13.87 -34.66
C PRO E 217 40.69 -12.64 -34.65
N ASP E 218 40.40 -11.67 -35.51
CA ASP E 218 41.13 -10.40 -35.52
C ASP E 218 41.02 -9.69 -34.17
#